data_3S94
#
_entry.id   3S94
#
_cell.length_a   70.540
_cell.length_b   144.510
_cell.length_c   70.760
_cell.angle_alpha   90.00
_cell.angle_beta   96.00
_cell.angle_gamma   90.00
#
_symmetry.space_group_name_H-M   'P 1 21 1'
#
loop_
_entity.id
_entity.type
_entity.pdbx_description
1 polymer 'Low-density lipoprotein receptor-related protein 6'
2 branched 2-acetamido-2-deoxy-beta-D-glucopyranose-(1-4)-2-acetamido-2-deoxy-beta-D-glucopyranose
3 non-polymer 2-acetamido-2-deoxy-beta-D-glucopyranose
#
_entity_poly.entity_id   1
_entity_poly.type   'polypeptide(L)'
_entity_poly.pdbx_seq_one_letter_code
;HHHHHHHHAPLLLYANRRDLRLVDATNGKENATIVVGGLEDAAAVDFVFSHGLIYWSDVSEEAIKRTEFNKTESVQNVVV
SGLLSPDGLACDWLGEKLYWTDSETNRIEVSNLDGSLRKVLFWQELDQPRAIALDPSSGFMYWTDWGEVPKIERAGMDGS
SRFIIINSEIYWPNGLTLDYEEQKLYWADAKLNFIHKSNLDGTNRQAVVKGSLPHPFALTLFEDILYWTDWSTHSILACN
KYTGEGLREIHSDIFSPMDIHAFSQQRQPNATNPCGIDNGGCSHLCLMSPVKPFYQCACPTGVKLLENGKTCKDGATELL
LLARRTDLRRISLDTPDFTDIVLQLEDIRHAIAIDYDPVEGYIYWTDDEVRAIRRSFIDGSGSQFVVTAQIAHPDGIAVD
WVARNLYWTDTGTDRIEVTRLNGTMRKILISEDLEEPRAIVLDPMVGYMYWTDWGEIPKIERAALDGSDRVVLVNTSLGW
PNGLALDYDEGKIYWGDAKTDKIEVMNTDGTGRRVLVEDKIPHIFGFTLLGDYVYWTDWQRRSIERVHKRSAEREVIIDQ
LPDLMGLKATNVHRVIGSNPCAEENGGCSHLCLYRPQGLRCACPIGFELISDMKTCIVP
;
_entity_poly.pdbx_strand_id   A,B
#
loop_
_chem_comp.id
_chem_comp.type
_chem_comp.name
_chem_comp.formula
NAG D-saccharide, beta linking 2-acetamido-2-deoxy-beta-D-glucopyranose 'C8 H15 N O6'
#
# COMPACT_ATOMS: atom_id res chain seq x y z
N PRO A 10 -42.05 -21.86 -10.20
CA PRO A 10 -41.06 -20.81 -10.01
C PRO A 10 -41.25 -19.64 -10.97
N LEU A 11 -41.44 -18.44 -10.42
CA LEU A 11 -41.53 -17.24 -11.25
C LEU A 11 -40.15 -16.58 -11.33
N LEU A 12 -39.78 -16.03 -12.48
CA LEU A 12 -38.42 -15.50 -12.69
C LEU A 12 -38.38 -14.00 -12.99
N LEU A 13 -37.78 -13.22 -12.08
CA LEU A 13 -37.72 -11.75 -12.22
C LEU A 13 -36.35 -11.29 -12.72
N TYR A 14 -36.36 -10.63 -13.87
CA TYR A 14 -35.15 -10.21 -14.53
C TYR A 14 -35.20 -8.73 -14.92
N ALA A 15 -34.09 -8.04 -14.69
CA ALA A 15 -33.95 -6.66 -15.12
C ALA A 15 -33.79 -6.62 -16.64
N ASN A 16 -34.81 -6.13 -17.33
CA ASN A 16 -34.76 -6.00 -18.79
C ASN A 16 -33.80 -4.86 -19.14
N ARG A 17 -34.32 -3.63 -19.14
CA ARG A 17 -33.50 -2.43 -19.27
C ARG A 17 -34.41 -1.21 -19.37
N ARG A 18 -35.52 -1.38 -20.10
CA ARG A 18 -36.57 -0.37 -20.16
C ARG A 18 -37.84 -0.92 -19.52
N ASP A 19 -37.75 -2.17 -19.05
CA ASP A 19 -38.92 -2.94 -18.65
C ASP A 19 -38.59 -3.75 -17.40
N LEU A 20 -39.62 -4.16 -16.67
CA LEU A 20 -39.48 -5.10 -15.55
C LEU A 20 -40.65 -6.06 -15.57
N ARG A 21 -40.35 -7.36 -15.56
CA ARG A 21 -41.36 -8.36 -15.86
C ARG A 21 -41.07 -9.75 -15.28
N LEU A 22 -42.12 -10.58 -15.23
CA LEU A 22 -42.08 -11.94 -14.68
C LEU A 22 -42.24 -13.01 -15.76
N VAL A 23 -41.52 -14.12 -15.60
CA VAL A 23 -41.70 -15.31 -16.44
C VAL A 23 -42.16 -16.47 -15.54
N ASP A 24 -42.71 -17.53 -16.17
CA ASP A 24 -43.43 -18.61 -15.48
C ASP A 24 -42.79 -20.01 -15.71
N ALA A 25 -43.58 -20.93 -16.26
CA ALA A 25 -43.14 -22.29 -16.60
C ALA A 25 -43.77 -22.73 -17.93
N THR A 26 -43.74 -21.84 -18.93
CA THR A 26 -44.22 -22.11 -20.30
C THR A 26 -43.17 -21.66 -21.31
N VAL A 36 -43.58 -3.12 -14.43
CA VAL A 36 -42.95 -1.80 -14.36
C VAL A 36 -42.24 -1.48 -15.67
N GLY A 37 -42.61 -0.38 -16.29
CA GLY A 37 -42.02 0.04 -17.56
C GLY A 37 -41.78 1.53 -17.66
N GLY A 38 -41.19 1.96 -18.77
CA GLY A 38 -40.87 3.37 -18.99
C GLY A 38 -39.63 3.82 -18.22
N LEU A 39 -38.52 3.13 -18.46
CA LEU A 39 -37.23 3.46 -17.83
C LEU A 39 -36.08 3.24 -18.81
N GLU A 40 -34.92 3.85 -18.53
CA GLU A 40 -33.77 3.81 -19.44
C GLU A 40 -32.52 3.16 -18.80
N ASP A 41 -32.30 1.89 -19.14
CA ASP A 41 -31.15 1.06 -18.70
C ASP A 41 -31.14 0.53 -17.25
N ALA A 42 -31.96 -0.48 -17.00
CA ALA A 42 -31.90 -1.21 -15.72
C ALA A 42 -30.78 -2.24 -15.76
N ALA A 43 -30.01 -2.33 -14.68
CA ALA A 43 -28.88 -3.26 -14.60
C ALA A 43 -29.05 -4.31 -13.51
N ALA A 44 -29.95 -4.04 -12.57
CA ALA A 44 -30.10 -4.85 -11.37
C ALA A 44 -31.56 -4.86 -10.94
N VAL A 45 -31.92 -5.85 -10.13
CA VAL A 45 -33.27 -5.96 -9.59
C VAL A 45 -33.32 -6.80 -8.31
N ASP A 46 -34.24 -6.43 -7.42
CA ASP A 46 -34.54 -7.25 -6.26
C ASP A 46 -35.95 -7.02 -5.72
N PHE A 47 -36.23 -7.66 -4.59
CA PHE A 47 -37.55 -7.68 -3.98
C PHE A 47 -37.47 -7.96 -2.49
N VAL A 48 -38.50 -7.53 -1.77
CA VAL A 48 -38.75 -7.97 -0.41
C VAL A 48 -40.16 -8.50 -0.45
N PHE A 49 -40.28 -9.82 -0.64
CA PHE A 49 -41.59 -10.43 -0.91
C PHE A 49 -42.59 -10.19 0.22
N SER A 50 -42.11 -10.27 1.46
CA SER A 50 -42.96 -10.12 2.65
C SER A 50 -43.70 -8.78 2.67
N HIS A 51 -42.98 -7.70 2.34
CA HIS A 51 -43.55 -6.36 2.28
C HIS A 51 -44.10 -6.02 0.92
N GLY A 52 -43.90 -6.92 -0.05
CA GLY A 52 -44.36 -6.72 -1.42
C GLY A 52 -43.66 -5.60 -2.17
N LEU A 53 -42.35 -5.48 -1.94
CA LEU A 53 -41.55 -4.41 -2.54
C LEU A 53 -40.64 -4.93 -3.66
N ILE A 54 -40.34 -4.06 -4.61
CA ILE A 54 -39.43 -4.35 -5.72
C ILE A 54 -38.51 -3.17 -5.95
N TYR A 55 -37.22 -3.44 -5.86
CA TYR A 55 -36.19 -2.43 -6.02
C TYR A 55 -35.38 -2.68 -7.29
N TRP A 56 -35.07 -1.60 -8.01
CA TRP A 56 -34.23 -1.73 -9.20
C TRP A 56 -33.25 -0.62 -9.30
N SER A 57 -32.20 -0.84 -10.08
CA SER A 57 -31.14 0.14 -10.28
C SER A 57 -31.11 0.62 -11.74
N ASP A 58 -30.90 1.94 -11.92
CA ASP A 58 -30.73 2.53 -13.24
C ASP A 58 -29.35 3.14 -13.43
N VAL A 59 -28.63 2.63 -14.43
CA VAL A 59 -27.26 3.11 -14.72
C VAL A 59 -27.25 4.37 -15.57
N SER A 60 -28.29 4.58 -16.38
CA SER A 60 -28.37 5.80 -17.18
C SER A 60 -29.03 6.91 -16.37
N GLU A 61 -30.14 6.57 -15.70
CA GLU A 61 -30.85 7.54 -14.87
C GLU A 61 -30.12 7.90 -13.57
N GLU A 62 -29.09 7.11 -13.23
CA GLU A 62 -28.26 7.31 -12.03
C GLU A 62 -29.09 7.27 -10.74
N ALA A 63 -29.88 6.22 -10.61
CA ALA A 63 -30.87 6.09 -9.54
C ALA A 63 -31.14 4.64 -9.15
N ILE A 64 -31.73 4.46 -7.98
CA ILE A 64 -32.33 3.20 -7.56
C ILE A 64 -33.73 3.52 -7.06
N LYS A 65 -34.74 2.86 -7.63
CA LYS A 65 -36.12 3.11 -7.23
C LYS A 65 -36.82 1.84 -6.75
N ARG A 66 -38.00 2.01 -6.19
CA ARG A 66 -38.80 0.89 -5.70
C ARG A 66 -40.27 1.05 -6.05
N THR A 67 -40.98 -0.08 -6.08
CA THR A 67 -42.41 -0.09 -6.32
C THR A 67 -43.06 -1.27 -5.62
N GLU A 68 -44.34 -1.14 -5.33
CA GLU A 68 -45.10 -2.19 -4.66
C GLU A 68 -45.81 -3.05 -5.71
N PHE A 69 -46.53 -4.09 -5.28
CA PHE A 69 -47.20 -4.99 -6.23
C PHE A 69 -48.52 -4.39 -6.74
N VAL A 75 -44.12 4.10 -7.70
CA VAL A 75 -42.71 4.48 -7.72
C VAL A 75 -42.29 5.38 -6.55
N GLN A 76 -41.03 5.24 -6.15
CA GLN A 76 -40.46 5.98 -5.04
C GLN A 76 -38.95 6.06 -5.22
N ASN A 77 -38.40 7.27 -5.11
CA ASN A 77 -36.95 7.49 -5.18
C ASN A 77 -36.24 6.97 -3.93
N VAL A 78 -35.13 6.24 -4.12
CA VAL A 78 -34.42 5.64 -3.00
C VAL A 78 -32.97 6.08 -2.88
N VAL A 79 -32.20 5.94 -3.96
CA VAL A 79 -30.84 6.47 -3.98
C VAL A 79 -30.59 7.18 -5.31
N VAL A 80 -30.43 8.50 -5.26
CA VAL A 80 -30.13 9.31 -6.44
C VAL A 80 -28.94 10.21 -6.17
N SER A 81 -28.67 10.39 -4.88
CA SER A 81 -27.72 11.38 -4.38
C SER A 81 -26.27 11.10 -4.78
N GLY A 82 -26.09 10.38 -5.88
CA GLY A 82 -24.79 10.31 -6.53
C GLY A 82 -24.25 8.93 -6.86
N LEU A 83 -24.86 8.27 -7.84
CA LEU A 83 -24.28 7.04 -8.40
C LEU A 83 -23.76 7.29 -9.81
N LEU A 84 -22.96 6.36 -10.32
CA LEU A 84 -22.42 6.48 -11.68
C LEU A 84 -22.68 5.25 -12.58
N SER A 85 -22.74 4.07 -11.95
CA SER A 85 -23.14 2.84 -12.64
C SER A 85 -23.32 1.69 -11.63
N PRO A 86 -24.49 1.64 -10.97
CA PRO A 86 -24.75 0.63 -9.95
C PRO A 86 -25.36 -0.64 -10.52
N ASP A 87 -24.60 -1.73 -10.51
CA ASP A 87 -25.02 -2.97 -11.19
C ASP A 87 -25.49 -4.09 -10.24
N GLY A 88 -25.01 -4.06 -9.00
CA GLY A 88 -25.44 -4.98 -7.94
C GLY A 88 -26.41 -4.31 -6.99
N LEU A 89 -27.36 -5.09 -6.47
CA LEU A 89 -28.48 -4.56 -5.69
C LEU A 89 -29.10 -5.72 -4.91
N ALA A 90 -29.00 -5.67 -3.58
CA ALA A 90 -29.56 -6.73 -2.76
C ALA A 90 -30.24 -6.27 -1.48
N CYS A 91 -31.42 -6.83 -1.23
CA CYS A 91 -32.28 -6.46 -0.11
C CYS A 91 -32.12 -7.39 1.10
N ASP A 92 -31.74 -6.82 2.23
CA ASP A 92 -31.72 -7.53 3.49
C ASP A 92 -33.16 -7.48 3.97
N TRP A 93 -33.80 -8.64 4.04
CA TRP A 93 -35.20 -8.69 4.45
C TRP A 93 -35.32 -8.91 5.92
N LEU A 94 -34.19 -9.24 6.54
CA LEU A 94 -34.17 -9.59 7.95
C LEU A 94 -33.79 -8.41 8.81
N GLY A 95 -32.86 -7.60 8.31
CA GLY A 95 -32.45 -6.37 8.98
C GLY A 95 -33.11 -5.19 8.31
N GLU A 96 -33.83 -5.49 7.23
CA GLU A 96 -34.59 -4.51 6.48
C GLU A 96 -33.66 -3.39 6.06
N LYS A 97 -32.76 -3.73 5.15
CA LYS A 97 -31.70 -2.84 4.67
C LYS A 97 -31.46 -3.10 3.17
N LEU A 98 -30.99 -2.10 2.44
CA LEU A 98 -30.78 -2.25 1.01
C LEU A 98 -29.30 -2.07 0.72
N TYR A 99 -28.70 -3.08 0.09
CA TYR A 99 -27.27 -3.09 -0.22
C TYR A 99 -27.10 -2.97 -1.71
N TRP A 100 -26.12 -2.19 -2.15
CA TRP A 100 -25.84 -2.10 -3.59
C TRP A 100 -24.38 -1.85 -3.85
N THR A 101 -23.94 -2.13 -5.07
CA THR A 101 -22.56 -1.87 -5.49
C THR A 101 -22.51 -0.99 -6.73
N ASP A 102 -21.58 -0.05 -6.76
CA ASP A 102 -21.40 0.85 -7.92
C ASP A 102 -20.03 0.61 -8.56
N SER A 103 -20.06 -0.08 -9.70
CA SER A 103 -18.85 -0.57 -10.37
C SER A 103 -17.98 0.57 -10.85
N GLU A 104 -18.61 1.73 -11.00
CA GLU A 104 -17.94 2.92 -11.50
C GLU A 104 -17.24 3.68 -10.38
N THR A 105 -17.93 3.91 -9.27
CA THR A 105 -17.37 4.69 -8.16
C THR A 105 -16.45 3.92 -7.21
N ASN A 106 -16.35 2.60 -7.42
CA ASN A 106 -15.49 1.74 -6.62
C ASN A 106 -15.81 1.77 -5.13
N ARG A 107 -17.04 1.35 -4.81
CA ARG A 107 -17.53 1.34 -3.44
C ARG A 107 -18.81 0.53 -3.30
N ILE A 108 -18.97 -0.07 -2.12
CA ILE A 108 -20.19 -0.78 -1.78
C ILE A 108 -20.81 -0.03 -0.62
N GLU A 109 -22.14 0.14 -0.68
CA GLU A 109 -22.88 0.95 0.29
C GLU A 109 -24.09 0.21 0.86
N VAL A 110 -24.51 0.60 2.06
CA VAL A 110 -25.77 0.11 2.62
C VAL A 110 -26.67 1.30 2.96
N SER A 111 -27.96 1.02 3.13
CA SER A 111 -28.95 2.02 3.51
C SER A 111 -30.17 1.30 4.03
N ASN A 112 -31.04 2.04 4.74
CA ASN A 112 -32.38 1.55 5.08
C ASN A 112 -33.17 1.32 3.79
N LEU A 113 -34.35 0.71 3.91
CA LEU A 113 -35.11 0.29 2.73
C LEU A 113 -35.63 1.43 1.86
N ASP A 114 -35.76 2.62 2.45
CA ASP A 114 -36.29 3.78 1.75
C ASP A 114 -35.20 4.76 1.39
N GLY A 115 -33.96 4.41 1.72
CA GLY A 115 -32.79 5.20 1.32
C GLY A 115 -32.09 5.97 2.43
N SER A 116 -32.81 6.17 3.53
CA SER A 116 -32.32 6.96 4.65
C SER A 116 -31.14 6.27 5.36
N LEU A 117 -30.35 7.04 6.10
CA LEU A 117 -29.25 6.50 6.92
C LEU A 117 -28.21 5.74 6.09
N ARG A 118 -27.87 6.31 4.93
CA ARG A 118 -27.01 5.66 3.94
C ARG A 118 -25.54 5.58 4.41
N LYS A 119 -24.95 4.41 4.23
CA LYS A 119 -23.61 4.16 4.73
C LYS A 119 -22.74 3.45 3.71
N VAL A 120 -21.54 4.00 3.51
CA VAL A 120 -20.55 3.38 2.63
C VAL A 120 -19.81 2.34 3.45
N LEU A 121 -20.04 1.08 3.11
CA LEU A 121 -19.41 -0.04 3.79
C LEU A 121 -17.98 -0.27 3.35
N PHE A 122 -17.75 -0.23 2.04
CA PHE A 122 -16.42 -0.36 1.50
C PHE A 122 -16.16 0.66 0.40
N TRP A 123 -14.89 0.86 0.08
CA TRP A 123 -14.45 1.87 -0.88
C TRP A 123 -13.06 1.59 -1.34
N GLN A 124 -12.23 1.06 -0.44
CA GLN A 124 -10.84 0.69 -0.74
C GLN A 124 -10.71 -0.66 -1.43
N GLU A 125 -9.64 -0.79 -2.21
CA GLU A 125 -9.28 -2.04 -2.90
C GLU A 125 -10.45 -2.69 -3.63
N LEU A 126 -11.20 -1.86 -4.35
CA LEU A 126 -12.35 -2.30 -5.13
C LEU A 126 -12.20 -1.86 -6.59
N ASP A 127 -12.27 -2.83 -7.50
CA ASP A 127 -12.13 -2.56 -8.93
C ASP A 127 -13.44 -2.20 -9.65
N GLN A 128 -14.27 -3.20 -9.95
CA GLN A 128 -15.56 -2.99 -10.61
C GLN A 128 -16.65 -3.85 -9.99
N PRO A 129 -17.02 -3.57 -8.73
CA PRO A 129 -18.01 -4.34 -7.97
C PRO A 129 -19.32 -4.57 -8.74
N ARG A 130 -19.63 -5.83 -9.01
CA ARG A 130 -20.80 -6.13 -9.79
C ARG A 130 -21.87 -6.73 -8.90
N ALA A 131 -22.11 -8.03 -9.05
CA ALA A 131 -23.26 -8.67 -8.43
C ALA A 131 -23.05 -8.85 -6.93
N ILE A 132 -24.14 -8.77 -6.19
CA ILE A 132 -24.09 -8.93 -4.75
C ILE A 132 -25.20 -9.89 -4.32
N ALA A 133 -24.99 -10.62 -3.22
CA ALA A 133 -26.05 -11.47 -2.67
C ALA A 133 -25.93 -11.59 -1.16
N LEU A 134 -27.06 -11.74 -0.49
CA LEU A 134 -27.05 -11.69 0.97
C LEU A 134 -27.61 -12.94 1.63
N ASP A 135 -27.21 -13.10 2.88
CA ASP A 135 -27.51 -14.25 3.70
C ASP A 135 -27.67 -13.67 5.09
N PRO A 136 -28.87 -13.11 5.38
CA PRO A 136 -29.15 -12.33 6.59
C PRO A 136 -28.99 -13.12 7.88
N SER A 137 -29.64 -14.28 7.98
CA SER A 137 -29.50 -15.19 9.12
C SER A 137 -28.05 -15.42 9.59
N SER A 138 -27.14 -15.61 8.63
CA SER A 138 -25.71 -15.76 8.93
C SER A 138 -25.02 -14.40 9.03
N GLY A 139 -25.56 -13.41 8.32
CA GLY A 139 -25.03 -12.06 8.32
C GLY A 139 -23.77 -11.94 7.49
N PHE A 140 -23.85 -12.42 6.25
CA PHE A 140 -22.74 -12.34 5.31
C PHE A 140 -23.19 -11.72 4.00
N MET A 141 -22.29 -11.00 3.34
CA MET A 141 -22.55 -10.54 1.98
C MET A 141 -21.53 -11.12 1.01
N TYR A 142 -21.83 -11.08 -0.28
CA TYR A 142 -20.92 -11.57 -1.31
C TYR A 142 -20.92 -10.64 -2.52
N TRP A 143 -19.77 -10.53 -3.20
CA TRP A 143 -19.71 -9.73 -4.42
C TRP A 143 -18.53 -10.04 -5.30
N THR A 144 -18.59 -9.54 -6.53
CA THR A 144 -17.59 -9.79 -7.56
C THR A 144 -16.76 -8.57 -7.95
N ASP A 145 -15.53 -8.79 -8.40
CA ASP A 145 -14.66 -7.75 -8.97
C ASP A 145 -14.35 -8.00 -10.45
N TRP A 146 -14.46 -6.96 -11.27
CA TRP A 146 -14.25 -7.07 -12.72
C TRP A 146 -13.04 -6.35 -13.19
N GLY A 147 -12.07 -6.18 -12.30
CA GLY A 147 -10.86 -5.45 -12.66
C GLY A 147 -9.84 -6.30 -13.38
N GLU A 148 -8.60 -5.82 -13.37
CA GLU A 148 -7.46 -6.59 -13.86
C GLU A 148 -7.25 -7.81 -12.99
N VAL A 149 -7.66 -7.70 -11.73
CA VAL A 149 -7.69 -8.82 -10.79
C VAL A 149 -9.15 -9.13 -10.38
N PRO A 150 -9.89 -9.87 -11.22
CA PRO A 150 -11.26 -10.24 -10.88
C PRO A 150 -11.30 -11.22 -9.72
N LYS A 151 -12.30 -11.10 -8.86
CA LYS A 151 -12.42 -11.94 -7.67
C LYS A 151 -13.85 -12.01 -7.11
N ILE A 152 -14.11 -13.04 -6.32
CA ILE A 152 -15.30 -13.12 -5.49
C ILE A 152 -14.86 -13.00 -4.03
N GLU A 153 -15.46 -12.06 -3.31
CA GLU A 153 -15.15 -11.87 -1.91
C GLU A 153 -16.40 -11.70 -1.08
N ARG A 154 -16.36 -12.20 0.15
CA ARG A 154 -17.46 -12.02 1.09
C ARG A 154 -17.02 -11.18 2.28
N ALA A 155 -17.99 -10.58 2.96
CA ALA A 155 -17.73 -9.92 4.24
C ALA A 155 -18.97 -9.96 5.12
N GLY A 156 -18.87 -9.43 6.33
CA GLY A 156 -20.02 -9.33 7.22
C GLY A 156 -20.95 -8.25 6.74
N MET A 157 -22.25 -8.45 6.97
CA MET A 157 -23.27 -7.47 6.57
C MET A 157 -23.07 -6.10 7.21
N ASP A 158 -22.12 -6.02 8.13
CA ASP A 158 -21.73 -4.79 8.80
C ASP A 158 -20.36 -4.31 8.31
N GLY A 159 -19.88 -4.94 7.26
CA GLY A 159 -18.58 -4.59 6.71
C GLY A 159 -17.45 -5.18 7.54
N SER A 160 -17.77 -6.21 8.31
CA SER A 160 -16.77 -6.92 9.09
C SER A 160 -16.00 -7.91 8.24
N SER A 161 -14.73 -8.10 8.59
CA SER A 161 -13.88 -9.18 8.09
C SER A 161 -14.01 -9.48 6.58
N ARG A 162 -13.48 -8.55 5.78
CA ARG A 162 -13.39 -8.71 4.35
C ARG A 162 -12.53 -9.93 4.01
N PHE A 163 -13.14 -10.89 3.32
CA PHE A 163 -12.46 -12.13 2.99
C PHE A 163 -12.59 -12.42 1.51
N ILE A 164 -11.45 -12.52 0.82
CA ILE A 164 -11.39 -12.93 -0.58
C ILE A 164 -11.54 -14.45 -0.69
N ILE A 165 -12.58 -14.91 -1.39
CA ILE A 165 -12.79 -16.35 -1.53
C ILE A 165 -12.32 -16.98 -2.85
N ILE A 166 -12.70 -16.40 -3.99
CA ILE A 166 -12.30 -16.97 -5.28
C ILE A 166 -11.36 -16.07 -6.09
N ASN A 167 -10.16 -16.57 -6.36
CA ASN A 167 -9.15 -15.86 -7.14
C ASN A 167 -8.65 -16.70 -8.30
N SER A 168 -8.73 -18.01 -8.14
CA SER A 168 -8.24 -18.97 -9.14
C SER A 168 -9.23 -19.17 -10.29
N GLU A 169 -8.82 -18.72 -11.46
CA GLU A 169 -9.55 -18.88 -12.74
C GLU A 169 -10.97 -18.29 -12.78
N ILE A 170 -11.02 -16.96 -12.84
CA ILE A 170 -12.25 -16.22 -13.16
C ILE A 170 -11.96 -14.88 -13.81
N TYR A 171 -12.83 -14.49 -14.73
CA TYR A 171 -12.72 -13.26 -15.48
C TYR A 171 -14.14 -12.91 -15.90
N TRP A 172 -14.65 -11.77 -15.44
CA TRP A 172 -16.05 -11.38 -15.67
C TRP A 172 -17.01 -12.26 -14.90
N PRO A 173 -16.84 -12.38 -13.56
CA PRO A 173 -17.78 -13.21 -12.80
C PRO A 173 -19.05 -12.43 -12.52
N ASN A 174 -20.19 -13.13 -12.42
CA ASN A 174 -21.47 -12.45 -12.28
C ASN A 174 -22.59 -13.36 -11.81
N GLY A 175 -23.69 -12.76 -11.37
CA GLY A 175 -24.90 -13.49 -10.97
C GLY A 175 -24.70 -14.45 -9.82
N LEU A 176 -24.06 -13.99 -8.75
CA LEU A 176 -23.87 -14.80 -7.55
C LEU A 176 -25.22 -15.11 -6.91
N THR A 177 -25.40 -16.37 -6.53
CA THR A 177 -26.63 -16.79 -5.89
C THR A 177 -26.27 -17.82 -4.86
N LEU A 178 -26.99 -17.80 -3.75
CA LEU A 178 -26.79 -18.71 -2.64
C LEU A 178 -27.96 -19.68 -2.48
N ASP A 179 -27.65 -20.92 -2.09
CA ASP A 179 -28.65 -21.91 -1.74
C ASP A 179 -28.66 -22.11 -0.21
N TYR A 180 -29.64 -21.52 0.47
CA TYR A 180 -29.70 -21.55 1.94
C TYR A 180 -30.12 -22.93 2.46
N GLU A 181 -30.83 -23.67 1.61
CA GLU A 181 -31.30 -25.00 1.94
C GLU A 181 -30.13 -25.99 1.99
N GLU A 182 -29.06 -25.69 1.25
CA GLU A 182 -27.88 -26.57 1.15
C GLU A 182 -26.52 -25.89 1.29
N GLN A 183 -26.51 -24.68 1.87
CA GLN A 183 -25.29 -23.89 2.16
C GLN A 183 -24.24 -23.81 1.06
N LYS A 184 -24.70 -23.48 -0.15
CA LYS A 184 -23.82 -23.42 -1.32
C LYS A 184 -23.92 -22.09 -2.07
N LEU A 185 -22.85 -21.74 -2.76
CA LEU A 185 -22.78 -20.50 -3.54
C LEU A 185 -22.53 -20.80 -5.02
N TYR A 186 -23.46 -20.36 -5.86
CA TYR A 186 -23.37 -20.55 -7.31
C TYR A 186 -22.97 -19.26 -7.97
N TRP A 187 -22.36 -19.36 -9.16
CA TRP A 187 -22.04 -18.19 -9.98
C TRP A 187 -21.69 -18.55 -11.40
N ALA A 188 -21.77 -17.56 -12.30
CA ALA A 188 -21.40 -17.73 -13.70
C ALA A 188 -20.16 -16.90 -14.05
N ASP A 189 -19.69 -17.04 -15.28
CA ASP A 189 -18.53 -16.30 -15.75
C ASP A 189 -18.74 -15.89 -17.20
N ALA A 190 -19.23 -14.67 -17.39
CA ALA A 190 -19.56 -14.12 -18.71
C ALA A 190 -18.38 -14.03 -19.69
N LYS A 191 -17.27 -14.69 -19.36
CA LYS A 191 -16.09 -14.67 -20.22
C LYS A 191 -15.50 -16.07 -20.41
N LEU A 192 -15.71 -16.95 -19.43
CA LEU A 192 -15.15 -18.30 -19.46
C LEU A 192 -16.22 -19.38 -19.63
N ASN A 193 -17.47 -18.95 -19.73
CA ASN A 193 -18.62 -19.82 -20.02
C ASN A 193 -18.75 -21.08 -19.17
N PHE A 194 -18.68 -20.89 -17.85
CA PHE A 194 -18.97 -21.95 -16.89
C PHE A 194 -19.89 -21.48 -15.77
N ILE A 195 -20.55 -22.45 -15.15
CA ILE A 195 -21.30 -22.23 -13.92
C ILE A 195 -20.72 -23.16 -12.87
N HIS A 196 -20.08 -22.57 -11.86
CA HIS A 196 -19.50 -23.31 -10.75
C HIS A 196 -20.43 -23.35 -9.57
N LYS A 197 -19.99 -24.08 -8.55
CA LYS A 197 -20.57 -24.01 -7.21
C LYS A 197 -19.48 -24.23 -6.17
N SER A 198 -19.67 -23.61 -5.00
CA SER A 198 -18.76 -23.75 -3.88
C SER A 198 -19.54 -23.51 -2.59
N ASN A 199 -18.88 -22.93 -1.60
CA ASN A 199 -19.54 -22.50 -0.36
C ASN A 199 -18.76 -21.39 0.31
N LEU A 200 -17.45 -21.57 0.40
CA LEU A 200 -16.50 -20.58 0.94
C LEU A 200 -15.13 -21.06 0.49
N ASP A 201 -15.04 -22.38 0.37
CA ASP A 201 -13.81 -23.08 0.06
C ASP A 201 -14.09 -24.07 -1.07
N GLY A 202 -14.26 -25.34 -0.70
CA GLY A 202 -14.38 -26.48 -1.63
C GLY A 202 -15.20 -26.18 -2.85
N THR A 203 -14.62 -26.43 -4.02
CA THR A 203 -15.15 -25.89 -5.28
C THR A 203 -15.43 -26.94 -6.34
N ASN A 204 -16.69 -27.01 -6.77
CA ASN A 204 -17.12 -27.89 -7.87
C ASN A 204 -17.44 -27.16 -9.17
N ARG A 205 -16.92 -27.68 -10.28
CA ARG A 205 -17.26 -27.19 -11.61
C ARG A 205 -18.37 -28.08 -12.19
N GLN A 206 -19.43 -27.43 -12.68
CA GLN A 206 -20.64 -28.11 -13.19
C GLN A 206 -20.79 -28.05 -14.72
N PRO A 216 -23.88 -17.55 -20.62
CA PRO A 216 -24.10 -17.50 -19.17
C PRO A 216 -23.79 -16.12 -18.60
N PHE A 217 -24.85 -15.32 -18.43
CA PHE A 217 -24.72 -14.04 -17.76
C PHE A 217 -25.17 -14.20 -16.30
N ALA A 218 -26.38 -13.77 -15.99
CA ALA A 218 -26.92 -13.87 -14.64
C ALA A 218 -27.50 -15.27 -14.35
N LEU A 219 -27.64 -15.64 -13.07
CA LEU A 219 -28.27 -16.91 -12.65
C LEU A 219 -29.01 -16.85 -11.31
N THR A 220 -29.91 -17.81 -11.10
CA THR A 220 -30.64 -17.94 -9.85
C THR A 220 -30.92 -19.40 -9.53
N LEU A 221 -31.74 -19.60 -8.49
CA LEU A 221 -32.10 -20.92 -8.00
C LEU A 221 -33.57 -20.93 -7.55
N PHE A 222 -34.16 -22.11 -7.40
CA PHE A 222 -35.49 -22.21 -6.78
C PHE A 222 -35.57 -23.41 -5.84
N GLU A 223 -35.68 -24.61 -6.41
CA GLU A 223 -35.62 -25.82 -5.61
C GLU A 223 -34.48 -26.69 -6.12
N ASP A 224 -34.75 -27.49 -7.15
CA ASP A 224 -33.75 -28.35 -7.76
C ASP A 224 -33.10 -27.72 -8.99
N ILE A 225 -33.66 -26.60 -9.44
CA ILE A 225 -33.37 -26.07 -10.78
C ILE A 225 -32.63 -24.74 -10.76
N LEU A 226 -31.45 -24.73 -11.36
CA LEU A 226 -30.70 -23.49 -11.53
C LEU A 226 -30.92 -22.91 -12.94
N TYR A 227 -31.52 -21.72 -13.00
CA TYR A 227 -31.86 -21.04 -14.26
C TYR A 227 -30.82 -19.97 -14.58
N TRP A 228 -30.35 -19.95 -15.83
CA TRP A 228 -29.43 -18.89 -16.26
C TRP A 228 -29.77 -18.35 -17.61
N THR A 229 -29.13 -17.23 -17.95
CA THR A 229 -29.39 -16.48 -19.17
C THR A 229 -28.14 -16.47 -20.04
N ASP A 230 -28.28 -16.93 -21.28
CA ASP A 230 -27.11 -17.24 -22.10
C ASP A 230 -26.74 -16.15 -23.11
N TRP A 231 -25.49 -15.72 -23.03
CA TRP A 231 -24.92 -14.61 -23.82
C TRP A 231 -25.15 -14.74 -25.30
N SER A 232 -25.36 -15.97 -25.77
CA SER A 232 -25.50 -16.20 -27.22
C SER A 232 -26.74 -16.96 -27.68
N THR A 233 -27.69 -17.22 -26.77
CA THR A 233 -28.95 -17.85 -27.20
C THR A 233 -30.17 -16.97 -26.99
N HIS A 234 -30.01 -15.93 -26.17
CA HIS A 234 -31.09 -15.00 -25.84
C HIS A 234 -32.35 -15.70 -25.40
N SER A 235 -32.16 -16.74 -24.59
CA SER A 235 -33.23 -17.51 -23.98
C SER A 235 -32.84 -17.87 -22.55
N ILE A 236 -33.82 -18.16 -21.70
CA ILE A 236 -33.57 -18.52 -20.30
C ILE A 236 -33.37 -20.03 -20.16
N LEU A 237 -32.11 -20.46 -20.10
CA LEU A 237 -31.77 -21.88 -20.00
C LEU A 237 -31.82 -22.38 -18.57
N ALA A 238 -32.28 -23.62 -18.41
CA ALA A 238 -32.45 -24.23 -17.09
C ALA A 238 -31.80 -25.61 -17.04
N CYS A 239 -31.29 -25.97 -15.86
CA CYS A 239 -30.64 -27.26 -15.65
C CYS A 239 -30.67 -27.72 -14.19
N ASN A 240 -30.35 -28.99 -13.97
CA ASN A 240 -30.20 -29.57 -12.63
C ASN A 240 -29.01 -28.94 -11.89
N LYS A 241 -29.18 -28.70 -10.60
CA LYS A 241 -28.17 -28.00 -9.82
C LYS A 241 -27.14 -28.93 -9.17
N TYR A 242 -27.31 -30.23 -9.38
CA TYR A 242 -26.36 -31.21 -8.85
C TYR A 242 -25.51 -31.79 -9.96
N THR A 243 -26.16 -32.15 -11.06
CA THR A 243 -25.48 -32.77 -12.20
C THR A 243 -25.35 -31.79 -13.36
N GLY A 244 -26.46 -31.19 -13.77
CA GLY A 244 -26.49 -30.29 -14.92
C GLY A 244 -27.37 -30.77 -16.06
N GLU A 245 -27.57 -32.09 -16.15
CA GLU A 245 -28.37 -32.71 -17.21
C GLU A 245 -29.80 -32.19 -17.26
N GLY A 246 -30.41 -32.26 -18.43
CA GLY A 246 -31.71 -31.66 -18.67
C GLY A 246 -31.53 -30.17 -18.90
N LEU A 247 -30.88 -29.83 -20.03
CA LEU A 247 -30.58 -28.44 -20.37
C LEU A 247 -31.78 -27.77 -21.03
N ARG A 248 -32.88 -27.70 -20.31
CA ARG A 248 -34.15 -27.25 -20.87
C ARG A 248 -34.19 -25.74 -21.19
N GLU A 249 -35.21 -25.34 -21.96
CA GLU A 249 -35.41 -23.93 -22.33
C GLU A 249 -36.70 -23.39 -21.68
N ILE A 250 -36.60 -22.26 -20.98
CA ILE A 250 -37.76 -21.69 -20.26
C ILE A 250 -38.52 -20.63 -21.07
N HIS A 251 -37.79 -19.65 -21.60
CA HIS A 251 -38.40 -18.61 -22.44
C HIS A 251 -37.42 -18.11 -23.47
N SER A 252 -37.83 -18.16 -24.73
CA SER A 252 -37.02 -17.69 -25.85
C SER A 252 -37.17 -16.20 -26.08
N ASP A 253 -36.46 -15.68 -27.08
CA ASP A 253 -36.57 -14.28 -27.53
C ASP A 253 -36.12 -13.23 -26.52
N ILE A 254 -35.65 -13.69 -25.35
CA ILE A 254 -35.25 -12.75 -24.30
C ILE A 254 -33.88 -12.12 -24.57
N PHE A 255 -33.92 -10.88 -25.05
CA PHE A 255 -32.70 -10.20 -25.48
C PHE A 255 -31.90 -9.61 -24.32
N SER A 256 -32.57 -8.94 -23.40
CA SER A 256 -31.90 -8.27 -22.29
C SER A 256 -32.15 -8.90 -20.93
N PRO A 257 -31.16 -9.67 -20.44
CA PRO A 257 -31.17 -10.15 -19.09
C PRO A 257 -30.01 -9.53 -18.33
N MET A 258 -30.19 -8.31 -17.84
CA MET A 258 -29.13 -7.61 -17.13
C MET A 258 -28.95 -8.14 -15.71
N ASP A 259 -29.92 -8.92 -15.26
CA ASP A 259 -29.96 -9.50 -13.92
C ASP A 259 -31.12 -10.49 -13.91
N ILE A 260 -31.05 -11.54 -13.09
CA ILE A 260 -32.14 -12.53 -12.99
C ILE A 260 -32.28 -13.16 -11.59
N HIS A 261 -33.54 -13.28 -11.13
CA HIS A 261 -33.85 -13.82 -9.80
C HIS A 261 -35.10 -14.66 -9.80
N ALA A 262 -35.31 -15.40 -8.72
CA ALA A 262 -36.53 -16.20 -8.56
C ALA A 262 -37.52 -15.54 -7.58
N PHE A 263 -38.65 -15.12 -8.12
CA PHE A 263 -39.64 -14.33 -7.39
C PHE A 263 -40.57 -15.23 -6.56
N SER A 264 -40.11 -15.61 -5.38
CA SER A 264 -40.85 -16.49 -4.50
C SER A 264 -40.55 -16.18 -3.05
N GLN A 265 -41.55 -16.29 -2.19
CA GLN A 265 -41.35 -16.07 -0.75
C GLN A 265 -40.28 -17.02 -0.19
N GLN A 266 -40.28 -18.26 -0.70
CA GLN A 266 -39.35 -19.29 -0.23
C GLN A 266 -37.89 -19.05 -0.64
N ARG A 267 -37.68 -17.96 -1.36
CA ARG A 267 -36.37 -17.54 -1.80
C ARG A 267 -35.77 -16.61 -0.75
N GLN A 268 -36.58 -16.33 0.28
CA GLN A 268 -36.23 -15.45 1.40
C GLN A 268 -36.72 -16.08 2.72
N PRO A 269 -35.91 -17.01 3.28
CA PRO A 269 -36.26 -17.72 4.52
C PRO A 269 -36.49 -16.79 5.71
N ASN A 270 -37.45 -17.17 6.54
CA ASN A 270 -37.81 -16.40 7.71
C ASN A 270 -36.86 -16.66 8.89
N ALA A 271 -36.61 -15.61 9.64
CA ALA A 271 -35.87 -15.67 10.89
C ALA A 271 -36.35 -14.48 11.69
N THR A 272 -36.18 -14.52 13.01
CA THR A 272 -36.45 -13.35 13.81
C THR A 272 -35.25 -12.41 13.68
N ASN A 273 -35.51 -11.11 13.76
CA ASN A 273 -34.45 -10.10 13.75
C ASN A 273 -33.73 -10.08 15.10
N PRO A 274 -32.40 -10.28 15.11
CA PRO A 274 -31.64 -10.28 16.36
C PRO A 274 -31.60 -8.91 17.04
N CYS A 275 -31.80 -7.84 16.27
CA CYS A 275 -31.98 -6.49 16.80
C CYS A 275 -33.20 -6.39 17.74
N GLY A 276 -34.28 -7.07 17.35
CA GLY A 276 -35.46 -7.26 18.20
C GLY A 276 -36.51 -6.17 18.16
N ILE A 277 -36.87 -5.66 19.34
CA ILE A 277 -37.87 -4.61 19.47
C ILE A 277 -37.38 -3.30 18.86
N ASP A 278 -36.26 -2.77 19.35
CA ASP A 278 -35.76 -1.50 18.86
C ASP A 278 -34.28 -1.51 18.49
N ASN A 279 -34.01 -1.82 17.22
CA ASN A 279 -32.66 -1.71 16.67
C ASN A 279 -31.54 -2.24 17.56
N GLY A 280 -31.84 -3.14 18.49
CA GLY A 280 -30.83 -3.56 19.48
C GLY A 280 -30.09 -2.41 20.13
N GLY A 281 -30.81 -1.35 20.47
CA GLY A 281 -30.21 -0.19 21.10
C GLY A 281 -29.39 0.70 20.18
N CYS A 282 -29.31 0.35 18.89
CA CYS A 282 -28.64 1.21 17.91
C CYS A 282 -29.45 2.51 17.74
N SER A 283 -28.78 3.66 17.80
CA SER A 283 -29.46 4.94 17.56
C SER A 283 -29.90 5.12 16.11
N HIS A 284 -29.23 4.39 15.20
CA HIS A 284 -29.43 4.54 13.76
C HIS A 284 -29.58 3.22 13.05
N LEU A 285 -28.50 2.74 12.42
CA LEU A 285 -28.53 1.48 11.69
C LEU A 285 -28.17 0.30 12.59
N CYS A 286 -28.99 -0.74 12.51
CA CYS A 286 -28.72 -2.03 13.15
C CYS A 286 -28.52 -3.00 12.01
N LEU A 287 -27.25 -3.31 11.73
CA LEU A 287 -26.89 -4.17 10.62
C LEU A 287 -26.61 -5.58 11.10
N MET A 288 -26.99 -6.57 10.29
CA MET A 288 -26.63 -7.96 10.55
C MET A 288 -25.10 -8.10 10.63
N SER A 289 -24.66 -9.08 11.42
CA SER A 289 -23.26 -9.36 11.66
C SER A 289 -23.09 -10.89 11.67
N PRO A 290 -21.88 -11.38 11.35
CA PRO A 290 -21.60 -12.82 11.50
C PRO A 290 -21.25 -13.23 12.93
N VAL A 291 -20.71 -12.29 13.71
CA VAL A 291 -20.10 -12.62 15.01
C VAL A 291 -20.94 -12.07 16.19
N LYS A 292 -20.51 -12.32 17.42
CA LYS A 292 -21.08 -11.74 18.64
C LYS A 292 -22.62 -11.84 18.71
N PRO A 293 -23.32 -10.75 19.11
CA PRO A 293 -24.79 -10.86 19.18
C PRO A 293 -25.51 -10.98 17.82
N PHE A 294 -24.73 -11.14 16.75
CA PHE A 294 -25.25 -11.22 15.36
C PHE A 294 -26.03 -9.97 14.89
N TYR A 295 -25.66 -8.83 15.45
CA TYR A 295 -26.07 -7.49 15.01
C TYR A 295 -25.03 -6.46 15.46
N GLN A 296 -24.91 -5.38 14.71
CA GLN A 296 -23.83 -4.42 14.88
C GLN A 296 -24.35 -3.02 14.60
N CYS A 297 -24.17 -2.12 15.55
CA CYS A 297 -24.63 -0.73 15.44
C CYS A 297 -23.77 0.10 14.51
N ALA A 298 -24.41 0.79 13.59
CA ALA A 298 -23.69 1.55 12.60
C ALA A 298 -24.21 2.98 12.49
N CYS A 299 -23.41 3.82 11.86
CA CYS A 299 -23.71 5.24 11.69
C CYS A 299 -23.58 5.63 10.21
N PRO A 300 -24.41 6.59 9.73
CA PRO A 300 -24.25 6.96 8.32
C PRO A 300 -22.87 7.50 7.98
N THR A 301 -22.58 7.51 6.69
CA THR A 301 -21.30 7.87 6.16
C THR A 301 -20.68 9.11 6.83
N GLY A 302 -19.41 8.99 7.20
CA GLY A 302 -18.68 10.09 7.80
C GLY A 302 -18.83 10.20 9.32
N VAL A 303 -20.02 9.91 9.82
CA VAL A 303 -20.28 10.10 11.24
C VAL A 303 -19.70 8.94 12.06
N LYS A 304 -19.20 9.27 13.24
CA LYS A 304 -18.52 8.29 14.09
C LYS A 304 -19.39 7.68 15.18
N LEU A 305 -18.97 6.51 15.63
CA LEU A 305 -19.67 5.72 16.63
C LEU A 305 -19.00 5.97 18.00
N LEU A 306 -19.82 6.32 19.00
CA LEU A 306 -19.36 6.68 20.36
C LEU A 306 -18.83 5.53 21.24
N GLU A 307 -18.06 5.88 22.27
CA GLU A 307 -17.56 4.97 23.32
C GLU A 307 -18.59 3.90 23.70
N ASN A 308 -19.84 4.32 23.65
CA ASN A 308 -21.03 3.48 23.69
C ASN A 308 -20.98 2.22 22.81
N GLY A 309 -20.63 2.39 21.53
CA GLY A 309 -20.74 1.31 20.55
C GLY A 309 -22.16 1.09 20.03
N LYS A 310 -23.08 1.96 20.43
CA LYS A 310 -24.49 1.91 20.00
C LYS A 310 -25.06 3.27 19.53
N THR A 311 -24.48 4.36 20.01
CA THR A 311 -24.98 5.69 19.69
C THR A 311 -24.02 6.47 18.77
N CYS A 312 -24.58 7.01 17.69
CA CYS A 312 -23.83 7.92 16.82
C CYS A 312 -23.71 9.31 17.43
N LYS A 313 -22.67 10.03 17.01
CA LYS A 313 -22.59 11.48 17.20
C LYS A 313 -23.69 12.17 16.39
N ASP A 314 -24.10 13.37 16.78
CA ASP A 314 -25.08 14.13 16.00
C ASP A 314 -24.39 14.67 14.76
N GLY A 315 -24.34 13.85 13.71
CA GLY A 315 -23.63 14.18 12.48
C GLY A 315 -22.12 14.21 12.63
N ALA A 316 -21.43 14.44 11.51
CA ALA A 316 -19.98 14.62 11.49
C ALA A 316 -19.61 15.92 12.19
N THR A 317 -18.51 15.92 12.95
CA THR A 317 -18.12 17.12 13.73
C THR A 317 -17.22 18.06 12.92
N GLU A 318 -16.63 17.55 11.85
CA GLU A 318 -15.69 18.28 11.03
C GLU A 318 -16.12 18.13 9.58
N LEU A 319 -16.40 19.25 8.91
CA LEU A 319 -16.85 19.21 7.50
C LEU A 319 -16.00 20.02 6.54
N LEU A 320 -15.77 19.47 5.37
CA LEU A 320 -15.21 20.25 4.27
C LEU A 320 -16.31 20.48 3.23
N LEU A 321 -16.87 21.68 3.23
CA LEU A 321 -17.94 22.02 2.31
C LEU A 321 -17.40 22.33 0.93
N LEU A 322 -18.12 21.89 -0.10
CA LEU A 322 -17.65 21.96 -1.48
C LEU A 322 -18.71 22.54 -2.45
N ALA A 323 -18.31 23.60 -3.14
CA ALA A 323 -19.14 24.26 -4.12
C ALA A 323 -18.69 23.92 -5.53
N ARG A 324 -19.33 22.94 -6.16
CA ARG A 324 -19.09 22.70 -7.57
C ARG A 324 -19.91 23.70 -8.35
N ARG A 325 -19.70 23.78 -9.66
CA ARG A 325 -20.42 24.71 -10.50
C ARG A 325 -21.93 24.42 -10.53
N THR A 326 -22.29 23.14 -10.44
CA THR A 326 -23.68 22.71 -10.61
C THR A 326 -24.27 21.85 -9.47
N ASP A 327 -23.41 21.28 -8.62
CA ASP A 327 -23.84 20.54 -7.43
C ASP A 327 -23.31 21.31 -6.23
N LEU A 328 -23.63 20.84 -5.02
CA LEU A 328 -22.94 21.26 -3.81
C LEU A 328 -22.70 20.00 -2.97
N ARG A 329 -21.50 19.81 -2.44
CA ARG A 329 -21.19 18.56 -1.73
C ARG A 329 -20.43 18.75 -0.40
N ARG A 330 -20.46 17.72 0.45
CA ARG A 330 -19.79 17.78 1.75
C ARG A 330 -18.88 16.58 1.98
N ILE A 331 -17.77 16.83 2.65
CA ILE A 331 -16.81 15.80 2.98
C ILE A 331 -16.56 15.85 4.49
N SER A 332 -16.82 14.74 5.17
CA SER A 332 -16.44 14.64 6.57
C SER A 332 -14.94 14.41 6.65
N LEU A 333 -14.33 14.98 7.68
CA LEU A 333 -12.91 14.81 7.93
C LEU A 333 -12.77 13.97 9.19
N ASP A 334 -13.86 13.31 9.56
CA ASP A 334 -13.90 12.42 10.71
C ASP A 334 -13.45 11.00 10.33
N THR A 335 -13.69 10.62 9.08
CA THR A 335 -13.40 9.28 8.61
C THR A 335 -12.50 9.29 7.38
N PRO A 336 -11.65 8.26 7.21
CA PRO A 336 -10.67 8.21 6.12
C PRO A 336 -11.21 7.87 4.72
N ASP A 337 -12.53 7.67 4.59
CA ASP A 337 -13.13 7.32 3.30
C ASP A 337 -13.31 8.52 2.37
N PHE A 338 -13.42 9.71 2.96
CA PHE A 338 -13.63 10.97 2.23
C PHE A 338 -14.66 10.80 1.13
N THR A 339 -15.93 10.81 1.51
CA THR A 339 -17.01 10.56 0.56
C THR A 339 -17.80 11.82 0.41
N ASP A 340 -17.94 12.28 -0.83
CA ASP A 340 -18.67 13.51 -1.09
C ASP A 340 -20.15 13.27 -1.34
N ILE A 341 -20.92 13.33 -0.26
CA ILE A 341 -22.37 13.28 -0.32
C ILE A 341 -22.83 14.52 -1.07
N VAL A 342 -23.64 14.33 -2.10
CA VAL A 342 -24.25 15.45 -2.83
C VAL A 342 -25.42 15.99 -2.01
N LEU A 343 -25.44 17.31 -1.83
CA LEU A 343 -26.57 17.98 -1.20
C LEU A 343 -27.80 17.95 -2.11
N GLN A 344 -28.96 17.67 -1.52
CA GLN A 344 -30.23 17.60 -2.26
C GLN A 344 -30.80 19.00 -2.46
N LEU A 345 -30.23 19.69 -3.44
CA LEU A 345 -30.57 21.07 -3.75
C LEU A 345 -30.93 21.22 -5.22
N GLU A 346 -31.74 22.24 -5.52
CA GLU A 346 -32.24 22.49 -6.87
C GLU A 346 -31.62 23.74 -7.47
N ASP A 347 -31.27 23.66 -8.75
CA ASP A 347 -30.92 24.85 -9.56
C ASP A 347 -29.55 25.50 -9.22
N ILE A 348 -28.52 24.68 -9.03
CA ILE A 348 -27.21 25.28 -8.91
C ILE A 348 -26.54 25.24 -10.28
N ARG A 349 -26.23 26.42 -10.79
CA ARG A 349 -25.92 26.63 -12.20
C ARG A 349 -24.50 27.11 -12.45
N HIS A 350 -24.04 27.98 -11.55
CA HIS A 350 -22.71 28.53 -11.58
C HIS A 350 -22.45 29.06 -10.19
N ALA A 351 -22.45 28.15 -9.22
CA ALA A 351 -21.97 28.48 -7.88
C ALA A 351 -20.47 28.87 -7.89
N ILE A 352 -20.08 29.69 -6.91
CA ILE A 352 -18.73 30.26 -6.86
C ILE A 352 -18.11 30.16 -5.48
N ALA A 353 -18.61 30.97 -4.54
CA ALA A 353 -18.07 31.06 -3.19
C ALA A 353 -19.03 30.39 -2.20
N ILE A 354 -18.46 29.80 -1.15
CA ILE A 354 -19.28 29.17 -0.11
C ILE A 354 -18.75 29.49 1.30
N ASP A 355 -19.65 29.48 2.29
CA ASP A 355 -19.28 29.57 3.70
C ASP A 355 -20.44 29.01 4.55
N TYR A 356 -20.26 28.90 5.86
CA TYR A 356 -21.27 28.25 6.73
C TYR A 356 -21.30 28.84 8.13
N ASP A 357 -22.51 29.10 8.63
CA ASP A 357 -22.72 29.54 10.02
C ASP A 357 -22.96 28.32 10.91
N PRO A 358 -22.11 28.10 11.93
CA PRO A 358 -22.33 26.97 12.83
C PRO A 358 -23.50 27.17 13.80
N VAL A 359 -23.86 28.41 14.08
CA VAL A 359 -24.88 28.68 15.08
C VAL A 359 -26.23 28.13 14.65
N GLU A 360 -26.63 28.43 13.41
CA GLU A 360 -27.90 27.91 12.89
C GLU A 360 -27.77 26.68 11.99
N GLY A 361 -26.54 26.29 11.67
CA GLY A 361 -26.31 25.15 10.78
C GLY A 361 -26.66 25.49 9.35
N TYR A 362 -26.39 26.75 8.97
CA TYR A 362 -26.71 27.26 7.65
C TYR A 362 -25.51 27.38 6.73
N ILE A 363 -25.72 26.93 5.50
CA ILE A 363 -24.76 27.07 4.43
C ILE A 363 -25.19 28.24 3.57
N TYR A 364 -24.23 29.12 3.27
CA TYR A 364 -24.43 30.26 2.36
C TYR A 364 -23.49 30.18 1.15
N TRP A 365 -24.08 30.22 -0.05
CA TRP A 365 -23.27 30.20 -1.30
C TRP A 365 -23.69 31.26 -2.27
N THR A 366 -22.86 31.53 -3.27
CA THR A 366 -23.19 32.52 -4.29
C THR A 366 -23.21 31.89 -5.68
N ASP A 367 -24.01 32.48 -6.57
CA ASP A 367 -24.15 31.95 -7.94
C ASP A 367 -23.99 33.03 -9.03
N ASP A 368 -22.89 32.93 -9.79
CA ASP A 368 -22.58 33.88 -10.87
C ASP A 368 -23.62 33.96 -12.02
N GLU A 369 -24.49 32.96 -12.14
CA GLU A 369 -25.54 32.99 -13.16
C GLU A 369 -26.83 33.58 -12.63
N VAL A 370 -27.33 33.03 -11.51
CA VAL A 370 -28.61 33.46 -10.92
C VAL A 370 -28.48 34.87 -10.37
N ARG A 371 -27.20 35.25 -10.13
CA ARG A 371 -26.75 36.56 -9.62
C ARG A 371 -27.23 36.81 -8.20
N ALA A 372 -27.17 35.75 -7.40
CA ALA A 372 -27.75 35.75 -6.07
C ALA A 372 -26.88 35.01 -5.05
N ILE A 373 -27.33 35.02 -3.80
CA ILE A 373 -26.74 34.29 -2.69
C ILE A 373 -27.83 33.40 -2.11
N ARG A 374 -27.51 32.15 -1.79
CA ARG A 374 -28.55 31.20 -1.30
C ARG A 374 -28.27 30.62 0.08
N ARG A 375 -29.33 30.11 0.72
CA ARG A 375 -29.26 29.49 2.05
C ARG A 375 -29.79 28.07 2.06
N SER A 376 -29.42 27.30 3.09
CA SER A 376 -29.82 25.87 3.19
C SER A 376 -29.07 25.17 4.32
N PHE A 377 -29.54 23.97 4.66
CA PHE A 377 -28.90 23.14 5.68
C PHE A 377 -27.98 22.09 5.03
N ILE A 378 -27.14 21.43 5.85
CA ILE A 378 -26.23 20.36 5.42
C ILE A 378 -26.95 19.35 4.53
N ASP A 379 -28.20 19.12 4.89
CA ASP A 379 -29.13 18.26 4.18
C ASP A 379 -29.34 18.76 2.76
N GLY A 380 -29.52 20.07 2.63
CA GLY A 380 -29.96 20.69 1.40
C GLY A 380 -31.41 21.13 1.51
N SER A 381 -32.00 20.83 2.66
CA SER A 381 -33.36 21.25 2.99
C SER A 381 -33.39 22.73 3.37
N GLY A 382 -34.60 23.28 3.51
CA GLY A 382 -34.81 24.67 3.93
C GLY A 382 -34.08 25.66 3.06
N SER A 383 -33.97 25.34 1.78
CA SER A 383 -33.29 26.17 0.80
C SER A 383 -34.04 27.48 0.64
N GLN A 384 -33.34 28.59 0.84
CA GLN A 384 -33.94 29.92 0.67
C GLN A 384 -33.00 30.90 -0.05
N PHE A 385 -33.58 31.95 -0.63
CA PHE A 385 -32.80 33.04 -1.21
C PHE A 385 -32.51 34.08 -0.14
N VAL A 386 -31.29 34.59 -0.15
CA VAL A 386 -30.82 35.55 0.84
C VAL A 386 -30.74 36.94 0.23
N VAL A 387 -30.08 37.04 -0.94
CA VAL A 387 -29.95 38.28 -1.68
C VAL A 387 -30.21 38.00 -3.18
N THR A 388 -30.99 38.83 -3.86
CA THR A 388 -31.27 38.63 -5.28
C THR A 388 -30.85 39.82 -6.19
N ALA A 389 -30.71 41.01 -5.61
CA ALA A 389 -30.55 42.22 -6.39
C ALA A 389 -29.12 42.47 -6.91
N GLN A 390 -28.64 43.69 -6.72
CA GLN A 390 -27.50 44.24 -7.45
C GLN A 390 -26.18 43.49 -7.24
N ILE A 391 -26.13 42.30 -7.83
CA ILE A 391 -24.98 41.41 -7.73
C ILE A 391 -24.54 41.08 -9.15
N ALA A 392 -23.23 41.15 -9.38
CA ALA A 392 -22.67 40.74 -10.64
C ALA A 392 -21.84 39.49 -10.44
N HIS A 393 -20.64 39.64 -9.89
CA HIS A 393 -19.70 38.52 -9.74
C HIS A 393 -19.29 38.28 -8.30
N PRO A 394 -20.21 37.72 -7.47
CA PRO A 394 -19.97 37.57 -6.03
C PRO A 394 -18.92 36.49 -5.74
N ASP A 395 -17.67 36.87 -5.90
CA ASP A 395 -16.50 35.98 -5.85
C ASP A 395 -16.03 35.63 -4.45
N GLY A 396 -16.70 36.18 -3.43
CA GLY A 396 -16.33 35.98 -2.02
C GLY A 396 -17.49 36.21 -1.06
N ILE A 397 -17.68 35.29 -0.12
CA ILE A 397 -18.74 35.38 0.88
C ILE A 397 -18.13 35.04 2.25
N ALA A 398 -18.63 35.71 3.30
CA ALA A 398 -18.12 35.51 4.65
C ALA A 398 -19.22 35.74 5.70
N VAL A 399 -19.40 34.73 6.54
CA VAL A 399 -20.34 34.76 7.64
C VAL A 399 -19.65 35.33 8.87
N ASP A 400 -20.29 36.31 9.49
CA ASP A 400 -19.96 36.70 10.85
C ASP A 400 -20.97 36.08 11.78
N TRP A 401 -20.48 35.12 12.56
CA TRP A 401 -21.32 34.25 13.37
C TRP A 401 -21.54 34.83 14.74
N VAL A 402 -20.89 35.94 15.04
CA VAL A 402 -21.04 36.61 16.32
C VAL A 402 -22.14 37.68 16.19
N ALA A 403 -21.87 38.70 15.38
CA ALA A 403 -22.81 39.79 15.16
C ALA A 403 -24.00 39.37 14.31
N ARG A 404 -23.86 38.19 13.69
CA ARG A 404 -24.90 37.61 12.86
C ARG A 404 -25.14 38.42 11.59
N ASN A 405 -24.03 38.76 10.95
CA ASN A 405 -24.07 39.50 9.69
C ASN A 405 -23.53 38.63 8.55
N LEU A 406 -23.60 39.15 7.33
CA LEU A 406 -23.04 38.47 6.18
C LEU A 406 -22.38 39.48 5.25
N TYR A 407 -21.10 39.24 4.93
CA TYR A 407 -20.38 40.09 3.99
C TYR A 407 -20.09 39.39 2.67
N TRP A 408 -20.07 40.16 1.59
CA TRP A 408 -19.58 39.66 0.31
C TRP A 408 -18.85 40.72 -0.49
N THR A 409 -17.99 40.26 -1.39
CA THR A 409 -17.26 41.13 -2.27
C THR A 409 -17.86 40.88 -3.62
N ASP A 410 -17.85 41.92 -4.47
CA ASP A 410 -18.39 41.83 -5.82
C ASP A 410 -17.40 42.45 -6.80
N THR A 411 -16.76 41.62 -7.62
CA THR A 411 -15.81 42.13 -8.61
C THR A 411 -16.49 42.99 -9.66
N GLY A 412 -17.78 42.74 -9.90
CA GLY A 412 -18.54 43.49 -10.89
C GLY A 412 -18.69 44.95 -10.50
N THR A 413 -19.43 45.17 -9.41
CA THR A 413 -19.79 46.50 -8.94
C THR A 413 -18.66 47.14 -8.13
N ASP A 414 -17.66 46.34 -7.80
CA ASP A 414 -16.41 46.87 -7.24
C ASP A 414 -16.59 47.40 -5.81
N ARG A 415 -17.44 46.73 -5.04
CA ARG A 415 -17.79 47.14 -3.68
C ARG A 415 -18.05 45.96 -2.77
N ILE A 416 -17.70 46.14 -1.48
CA ILE A 416 -17.94 45.17 -0.42
C ILE A 416 -19.26 45.48 0.33
N GLU A 417 -20.21 44.56 0.30
CA GLU A 417 -21.49 44.77 0.95
C GLU A 417 -21.69 43.89 2.21
N VAL A 418 -22.61 44.31 3.07
CA VAL A 418 -22.96 43.60 4.32
C VAL A 418 -24.46 43.68 4.59
N THR A 419 -25.06 42.54 4.90
CA THR A 419 -26.44 42.44 5.41
C THR A 419 -26.37 41.73 6.76
N ARG A 420 -27.51 41.20 7.20
CA ARG A 420 -27.48 40.21 8.27
C ARG A 420 -27.60 38.86 7.59
N LEU A 421 -27.43 37.78 8.32
CA LEU A 421 -27.49 36.47 7.68
C LEU A 421 -28.85 36.29 7.00
N ASN A 422 -29.88 36.88 7.60
CA ASN A 422 -31.20 37.03 7.01
C ASN A 422 -31.18 37.57 5.57
N GLY A 423 -30.40 38.62 5.33
CA GLY A 423 -30.34 39.25 4.02
C GLY A 423 -30.88 40.66 4.07
N THR A 424 -31.30 41.07 5.26
CA THR A 424 -31.84 42.40 5.48
C THR A 424 -30.75 43.31 6.00
N MET A 425 -31.01 44.61 5.96
CA MET A 425 -30.06 45.66 6.37
C MET A 425 -28.87 45.79 5.42
N ARG A 426 -29.12 45.68 4.12
CA ARG A 426 -28.09 45.79 3.10
C ARG A 426 -27.46 47.18 3.08
N LYS A 427 -26.13 47.22 3.18
CA LYS A 427 -25.36 48.45 3.23
C LYS A 427 -24.06 48.32 2.44
N ILE A 428 -23.75 49.34 1.64
CA ILE A 428 -22.49 49.39 0.92
C ILE A 428 -21.36 49.82 1.87
N LEU A 429 -20.43 48.90 2.13
CA LEU A 429 -19.45 49.08 3.20
C LEU A 429 -18.07 49.61 2.76
N ILE A 430 -17.64 49.24 1.56
CA ILE A 430 -16.48 49.85 0.94
C ILE A 430 -16.80 49.87 -0.54
N SER A 431 -16.64 51.03 -1.17
CA SER A 431 -16.92 51.21 -2.60
C SER A 431 -15.86 52.04 -3.31
N GLU A 432 -15.56 53.21 -2.76
CA GLU A 432 -14.57 54.11 -3.33
C GLU A 432 -13.17 53.53 -3.12
N ASP A 433 -12.30 53.77 -4.09
CA ASP A 433 -10.89 53.35 -4.04
C ASP A 433 -10.68 51.82 -3.89
N LEU A 434 -11.67 51.05 -4.33
CA LEU A 434 -11.58 49.60 -4.29
C LEU A 434 -11.80 49.03 -5.67
N GLU A 435 -10.80 48.29 -6.16
CA GLU A 435 -10.93 47.62 -7.45
C GLU A 435 -10.66 46.13 -7.38
N GLU A 436 -11.52 45.36 -8.03
CA GLU A 436 -11.42 43.89 -8.10
C GLU A 436 -11.21 43.19 -6.74
N PRO A 437 -12.21 43.29 -5.83
CA PRO A 437 -12.08 42.55 -4.55
C PRO A 437 -12.50 41.09 -4.68
N ARG A 438 -11.75 40.21 -4.04
CA ARG A 438 -12.01 38.78 -4.20
C ARG A 438 -12.36 38.02 -2.91
N ALA A 439 -11.39 37.31 -2.33
CA ALA A 439 -11.65 36.49 -1.15
C ALA A 439 -11.81 37.34 0.09
N ILE A 440 -12.73 36.96 0.96
CA ILE A 440 -13.04 37.76 2.15
C ILE A 440 -13.14 36.88 3.42
N VAL A 441 -12.67 37.42 4.54
CA VAL A 441 -12.70 36.72 5.83
C VAL A 441 -12.79 37.74 6.98
N LEU A 442 -13.20 37.27 8.15
CA LEU A 442 -13.41 38.20 9.25
C LEU A 442 -12.91 37.58 10.55
N ASP A 443 -12.42 38.43 11.44
CA ASP A 443 -12.01 38.00 12.77
C ASP A 443 -12.85 38.76 13.81
N PRO A 444 -14.08 38.29 14.06
CA PRO A 444 -15.03 39.05 14.87
C PRO A 444 -14.57 39.29 16.29
N MET A 445 -13.95 38.28 16.92
CA MET A 445 -13.53 38.41 18.32
C MET A 445 -12.45 39.48 18.50
N VAL A 446 -11.62 39.66 17.47
CA VAL A 446 -10.62 40.74 17.41
C VAL A 446 -11.23 42.05 16.84
N GLY A 447 -11.97 41.93 15.75
CA GLY A 447 -12.64 43.08 15.14
C GLY A 447 -12.13 43.41 13.75
N TYR A 448 -11.56 42.42 13.08
CA TYR A 448 -10.88 42.62 11.80
C TYR A 448 -11.53 41.89 10.62
N MET A 449 -11.45 42.55 9.46
CA MET A 449 -11.98 42.04 8.19
C MET A 449 -10.87 42.06 7.14
N TYR A 450 -10.51 40.89 6.61
CA TYR A 450 -9.47 40.80 5.58
C TYR A 450 -10.02 40.41 4.21
N TRP A 451 -9.52 41.06 3.15
CA TRP A 451 -9.87 40.70 1.78
C TRP A 451 -8.74 40.83 0.82
N THR A 452 -8.88 40.20 -0.35
CA THR A 452 -7.88 40.36 -1.41
C THR A 452 -8.34 41.34 -2.48
N ASP A 453 -7.37 41.83 -3.24
CA ASP A 453 -7.58 42.84 -4.28
C ASP A 453 -6.69 42.63 -5.48
N TRP A 454 -7.22 42.97 -6.64
CA TRP A 454 -6.45 43.01 -7.87
C TRP A 454 -6.36 44.41 -8.36
N GLY A 455 -6.45 44.56 -9.69
CA GLY A 455 -6.39 45.86 -10.35
C GLY A 455 -4.99 46.41 -10.48
N GLU A 456 -4.93 47.72 -10.70
CA GLU A 456 -3.69 48.47 -10.96
C GLU A 456 -2.53 48.06 -10.06
N ILE A 457 -2.81 47.96 -8.77
CA ILE A 457 -1.82 47.44 -7.84
C ILE A 457 -2.49 46.48 -6.85
N PRO A 458 -2.24 45.17 -7.05
CA PRO A 458 -2.88 44.10 -6.27
C PRO A 458 -2.45 44.16 -4.80
N LYS A 459 -3.32 43.70 -3.90
CA LYS A 459 -3.01 43.73 -2.46
C LYS A 459 -3.89 42.88 -1.56
N ILE A 460 -3.38 42.61 -0.35
CA ILE A 460 -4.18 42.10 0.74
C ILE A 460 -4.42 43.20 1.76
N GLU A 461 -5.69 43.49 2.03
CA GLU A 461 -6.07 44.58 2.94
C GLU A 461 -6.68 44.08 4.24
N ARG A 462 -6.73 45.00 5.22
CA ARG A 462 -7.43 44.81 6.49
C ARG A 462 -8.19 46.08 6.88
N ALA A 463 -9.43 45.90 7.32
CA ALA A 463 -10.22 46.96 7.92
C ALA A 463 -10.89 46.47 9.21
N ALA A 464 -11.36 47.39 10.04
CA ALA A 464 -12.28 47.05 11.12
C ALA A 464 -13.58 46.54 10.48
N LEU A 465 -14.48 45.97 11.27
CA LEU A 465 -15.69 45.38 10.69
C LEU A 465 -16.69 46.40 10.12
N ASP A 466 -16.40 47.68 10.24
CA ASP A 466 -17.22 48.74 9.63
C ASP A 466 -16.55 49.46 8.43
N GLY A 467 -15.48 48.87 7.91
CA GLY A 467 -14.76 49.46 6.78
C GLY A 467 -13.73 50.49 7.18
N SER A 468 -13.81 50.92 8.43
CA SER A 468 -12.84 51.82 9.04
C SER A 468 -11.46 51.16 9.11
N ASP A 469 -10.42 51.99 9.25
CA ASP A 469 -9.02 51.55 9.36
C ASP A 469 -8.55 50.72 8.19
N ARG A 470 -9.01 51.09 7.01
CA ARG A 470 -8.64 50.38 5.81
C ARG A 470 -7.15 50.56 5.69
N VAL A 471 -6.40 49.47 5.88
CA VAL A 471 -4.95 49.48 5.79
C VAL A 471 -4.46 48.32 4.91
N VAL A 472 -3.37 48.54 4.18
CA VAL A 472 -2.80 47.51 3.30
C VAL A 472 -1.79 46.66 4.06
N LEU A 473 -2.00 45.34 4.02
CA LEU A 473 -1.24 44.38 4.80
C LEU A 473 -0.13 43.71 3.99
N VAL A 474 -0.39 43.50 2.70
CA VAL A 474 0.60 42.96 1.76
C VAL A 474 0.49 43.80 0.52
N ASN A 475 1.65 44.19 -0.01
CA ASN A 475 1.74 45.25 -1.00
C ASN A 475 2.43 44.72 -2.25
N THR A 476 3.40 43.84 -2.01
CA THR A 476 4.39 43.40 -3.02
C THR A 476 4.45 41.89 -3.19
N SER A 477 5.01 41.45 -4.32
CA SER A 477 5.05 40.03 -4.72
C SER A 477 3.67 39.35 -4.84
N LEU A 478 2.66 40.15 -5.18
CA LEU A 478 1.30 39.65 -5.45
C LEU A 478 0.90 39.91 -6.90
N GLY A 479 0.16 38.97 -7.47
CA GLY A 479 -0.41 39.14 -8.80
C GLY A 479 -1.93 39.03 -8.72
N TRP A 480 -2.39 37.79 -8.54
CA TRP A 480 -3.81 37.53 -8.41
C TRP A 480 -4.07 36.79 -7.15
N PRO A 481 -4.30 37.50 -6.04
CA PRO A 481 -4.61 36.82 -4.79
C PRO A 481 -6.02 36.21 -4.84
N ASN A 482 -6.09 34.90 -4.56
CA ASN A 482 -7.29 34.10 -4.81
C ASN A 482 -8.05 33.55 -3.60
N GLY A 483 -7.36 33.39 -2.48
CA GLY A 483 -8.00 32.73 -1.34
C GLY A 483 -7.38 33.06 -0.02
N LEU A 484 -8.20 33.16 1.00
CA LEU A 484 -7.74 33.57 2.31
C LEU A 484 -8.30 32.67 3.35
N ALA A 485 -7.42 32.16 4.19
CA ALA A 485 -7.80 31.46 5.40
C ALA A 485 -7.20 32.19 6.58
N LEU A 486 -7.92 32.20 7.71
CA LEU A 486 -7.38 32.69 8.96
C LEU A 486 -7.13 31.52 9.89
N ASP A 487 -5.94 31.49 10.48
CA ASP A 487 -5.66 30.55 11.57
C ASP A 487 -5.93 31.31 12.84
N TYR A 488 -7.19 31.27 13.27
CA TYR A 488 -7.67 31.99 14.45
C TYR A 488 -6.89 31.65 15.72
N ASP A 489 -6.48 30.39 15.83
CA ASP A 489 -5.78 29.88 16.99
C ASP A 489 -4.42 30.54 17.15
N GLU A 490 -3.68 30.63 16.04
CA GLU A 490 -2.24 30.93 16.08
C GLU A 490 -1.85 32.25 15.41
N GLY A 491 -2.82 33.14 15.24
CA GLY A 491 -2.57 34.50 14.77
C GLY A 491 -2.02 34.57 13.36
N LYS A 492 -2.46 33.64 12.51
CA LYS A 492 -1.93 33.52 11.16
C LYS A 492 -3.01 33.72 10.11
N ILE A 493 -2.59 34.17 8.93
CA ILE A 493 -3.43 34.25 7.74
C ILE A 493 -2.75 33.55 6.57
N TYR A 494 -3.55 32.88 5.76
CA TYR A 494 -3.07 32.15 4.60
C TYR A 494 -3.72 32.65 3.32
N TRP A 495 -2.95 32.71 2.24
CA TRP A 495 -3.49 33.06 0.93
C TRP A 495 -2.79 32.35 -0.17
N GLY A 496 -3.42 32.37 -1.34
CA GLY A 496 -2.84 31.82 -2.55
C GLY A 496 -3.00 32.81 -3.66
N ASP A 497 -2.26 32.59 -4.75
CA ASP A 497 -2.17 33.57 -5.83
C ASP A 497 -2.13 32.88 -7.20
N ALA A 498 -3.05 33.27 -8.07
CA ALA A 498 -3.15 32.69 -9.40
C ALA A 498 -1.88 32.90 -10.23
N LYS A 499 -1.36 34.12 -10.21
CA LYS A 499 -0.26 34.54 -11.08
C LYS A 499 1.09 34.04 -10.61
N THR A 500 1.27 33.99 -9.29
CA THR A 500 2.54 33.63 -8.70
C THR A 500 2.62 32.16 -8.30
N ASP A 501 1.52 31.44 -8.46
CA ASP A 501 1.39 30.02 -8.13
C ASP A 501 2.01 29.64 -6.78
N LYS A 502 1.78 30.48 -5.79
CA LYS A 502 2.34 30.29 -4.46
C LYS A 502 1.24 30.37 -3.43
N ILE A 503 1.33 29.54 -2.40
CA ILE A 503 0.46 29.68 -1.23
C ILE A 503 1.32 30.12 -0.05
N GLU A 504 1.00 31.30 0.50
CA GLU A 504 1.84 31.92 1.53
C GLU A 504 1.20 31.98 2.92
N VAL A 505 2.04 31.92 3.95
CA VAL A 505 1.60 32.05 5.35
C VAL A 505 2.21 33.32 5.94
N MET A 506 1.49 33.94 6.87
CA MET A 506 1.87 35.23 7.42
C MET A 506 1.16 35.46 8.75
N ASN A 507 1.75 36.29 9.61
CA ASN A 507 1.08 36.74 10.84
C ASN A 507 0.02 37.78 10.53
N THR A 508 -1.04 37.81 11.34
CA THR A 508 -2.23 38.64 11.07
C THR A 508 -1.96 40.15 11.16
N ASP A 509 -0.68 40.49 11.33
CA ASP A 509 -0.20 41.86 11.23
C ASP A 509 1.32 41.76 11.17
N GLY A 510 1.94 41.69 12.35
CA GLY A 510 3.39 41.56 12.50
C GLY A 510 3.89 40.42 11.65
N THR A 511 4.38 40.77 10.46
CA THR A 511 4.67 39.83 9.41
C THR A 511 5.68 38.71 9.76
N GLY A 512 5.52 37.59 9.06
CA GLY A 512 6.41 36.43 9.11
C GLY A 512 6.22 35.69 7.79
N ARG A 513 6.35 36.43 6.70
CA ARG A 513 6.02 35.93 5.36
C ARG A 513 6.88 34.75 4.92
N ARG A 514 6.22 33.76 4.34
CA ARG A 514 6.83 32.49 3.98
C ARG A 514 5.93 31.80 2.97
N VAL A 515 6.50 31.29 1.88
CA VAL A 515 5.74 30.52 0.90
C VAL A 515 5.70 29.05 1.28
N LEU A 516 4.55 28.61 1.80
CA LEU A 516 4.40 27.27 2.34
C LEU A 516 4.42 26.17 1.27
N VAL A 517 3.74 26.38 0.14
CA VAL A 517 3.74 25.40 -0.96
C VAL A 517 3.79 26.05 -2.35
N GLU A 518 4.36 25.32 -3.30
CA GLU A 518 4.62 25.79 -4.66
C GLU A 518 3.85 24.93 -5.68
N ASP A 519 2.73 25.47 -6.17
CA ASP A 519 1.88 24.76 -7.16
C ASP A 519 0.94 25.70 -7.91
N LYS A 520 0.55 25.28 -9.11
CA LYS A 520 -0.31 26.05 -10.00
C LYS A 520 -1.72 26.34 -9.43
N ILE A 521 -2.25 27.54 -9.70
CA ILE A 521 -3.50 27.97 -9.05
C ILE A 521 -4.65 28.36 -10.02
N PRO A 522 -5.80 27.66 -9.92
CA PRO A 522 -6.98 27.98 -10.73
C PRO A 522 -7.52 29.40 -10.52
N HIS A 523 -7.79 30.10 -11.63
CA HIS A 523 -8.51 31.39 -11.64
C HIS A 523 -9.58 31.50 -10.56
N ILE A 524 -10.49 30.52 -10.52
CA ILE A 524 -11.37 30.40 -9.37
C ILE A 524 -10.89 29.25 -8.50
N PHE A 525 -10.62 29.60 -7.24
CA PHE A 525 -9.80 28.81 -6.34
C PHE A 525 -10.54 28.58 -5.05
N GLY A 526 -10.75 27.32 -4.71
CA GLY A 526 -11.37 26.93 -3.46
C GLY A 526 -10.34 26.75 -2.36
N PHE A 527 -10.30 27.70 -1.44
CA PHE A 527 -9.23 27.75 -0.45
C PHE A 527 -9.79 27.76 0.98
N THR A 528 -9.31 26.85 1.83
CA THR A 528 -9.80 26.79 3.22
C THR A 528 -8.87 26.14 4.23
N LEU A 529 -9.01 26.55 5.48
CA LEU A 529 -8.20 26.04 6.58
C LEU A 529 -9.04 25.59 7.76
N LEU A 530 -8.67 24.43 8.33
CA LEU A 530 -9.27 23.95 9.57
C LEU A 530 -8.37 22.93 10.23
N GLY A 531 -8.00 23.21 11.47
CA GLY A 531 -7.21 22.27 12.26
C GLY A 531 -5.74 22.42 11.97
N ASP A 532 -5.11 21.31 11.58
CA ASP A 532 -3.70 21.29 11.24
C ASP A 532 -3.49 21.18 9.72
N TYR A 533 -4.58 21.06 8.97
CA TYR A 533 -4.50 20.89 7.52
C TYR A 533 -5.07 22.09 6.78
N VAL A 534 -4.71 22.21 5.52
CA VAL A 534 -5.17 23.27 4.64
C VAL A 534 -5.69 22.61 3.39
N TYR A 535 -6.92 22.95 3.02
CA TYR A 535 -7.57 22.43 1.83
C TYR A 535 -7.58 23.45 0.68
N TRP A 536 -7.27 22.97 -0.53
CA TRP A 536 -7.24 23.79 -1.75
C TRP A 536 -7.50 22.97 -2.97
N THR A 537 -7.78 23.65 -4.08
CA THR A 537 -8.11 22.97 -5.33
C THR A 537 -6.92 23.02 -6.27
N ASP A 538 -6.74 21.94 -7.01
CA ASP A 538 -5.65 21.83 -7.97
C ASP A 538 -6.03 22.58 -9.24
N TRP A 539 -5.00 22.87 -10.06
CA TRP A 539 -5.11 23.64 -11.30
C TRP A 539 -6.29 23.29 -12.17
N GLN A 540 -6.44 21.99 -12.42
CA GLN A 540 -7.49 21.46 -13.29
C GLN A 540 -8.86 21.45 -12.60
N ARG A 541 -8.86 21.75 -11.29
CA ARG A 541 -10.07 21.75 -10.47
C ARG A 541 -10.72 20.37 -10.51
N ARG A 542 -9.86 19.36 -10.41
CA ARG A 542 -10.23 17.95 -10.55
C ARG A 542 -10.03 17.20 -9.23
N SER A 543 -9.41 17.87 -8.28
CA SER A 543 -8.96 17.22 -7.05
C SER A 543 -8.77 18.22 -5.91
N ILE A 544 -8.87 17.74 -4.67
CA ILE A 544 -8.62 18.58 -3.51
C ILE A 544 -7.44 18.03 -2.74
N GLU A 545 -6.36 18.80 -2.69
CA GLU A 545 -5.21 18.41 -1.88
C GLU A 545 -5.32 19.09 -0.53
N ARG A 546 -4.75 18.46 0.48
CA ARG A 546 -4.52 19.11 1.78
C ARG A 546 -3.03 19.13 2.12
N VAL A 547 -2.63 20.14 2.89
CA VAL A 547 -1.25 20.23 3.36
C VAL A 547 -1.24 20.46 4.88
N HIS A 548 -0.42 19.68 5.58
CA HIS A 548 -0.30 19.80 7.02
C HIS A 548 0.41 21.08 7.32
N LYS A 549 -0.39 22.13 7.60
CA LYS A 549 0.09 23.50 7.82
C LYS A 549 1.46 23.58 8.52
N ARG A 550 1.68 22.69 9.49
CA ARG A 550 2.94 22.62 10.21
C ARG A 550 4.01 22.03 9.31
N SER A 551 4.03 20.72 9.15
CA SER A 551 5.06 20.06 8.31
C SER A 551 4.95 20.49 6.84
N ALA A 552 4.75 19.54 5.94
CA ALA A 552 4.77 19.84 4.50
C ALA A 552 4.01 18.80 3.67
N GLU A 553 3.72 17.65 4.30
CA GLU A 553 3.09 16.51 3.64
C GLU A 553 1.80 16.85 2.89
N ARG A 554 1.80 16.50 1.61
CA ARG A 554 0.65 16.75 0.74
C ARG A 554 0.02 15.44 0.34
N GLU A 555 -1.21 15.23 0.76
CA GLU A 555 -1.96 14.07 0.30
C GLU A 555 -3.28 14.47 -0.37
N VAL A 556 -3.46 13.98 -1.60
CA VAL A 556 -4.68 14.21 -2.39
C VAL A 556 -5.86 13.45 -1.78
N ILE A 557 -6.89 14.22 -1.41
CA ILE A 557 -8.05 13.70 -0.68
C ILE A 557 -9.14 13.16 -1.61
N ILE A 558 -9.55 13.97 -2.57
CA ILE A 558 -10.63 13.59 -3.49
C ILE A 558 -10.15 13.80 -4.90
N ASP A 559 -10.54 12.89 -5.78
CA ASP A 559 -10.08 12.85 -7.15
C ASP A 559 -11.28 12.68 -8.06
N GLN A 560 -11.07 12.85 -9.36
CA GLN A 560 -12.06 12.46 -10.37
C GLN A 560 -13.40 13.18 -10.23
N LEU A 561 -13.35 14.42 -9.73
CA LEU A 561 -14.55 15.20 -9.43
C LEU A 561 -14.35 16.60 -9.97
N PRO A 562 -14.85 16.85 -11.20
CA PRO A 562 -14.49 18.06 -11.93
C PRO A 562 -15.25 19.33 -11.51
N ASP A 563 -14.74 20.48 -11.94
CA ASP A 563 -15.45 21.74 -11.76
C ASP A 563 -15.57 22.19 -10.32
N LEU A 564 -14.49 22.02 -9.57
CA LEU A 564 -14.42 22.54 -8.21
C LEU A 564 -14.25 24.05 -8.30
N MET A 565 -14.88 24.77 -7.37
CA MET A 565 -14.93 26.23 -7.40
C MET A 565 -14.57 26.88 -6.06
N GLY A 566 -15.07 26.28 -4.97
CA GLY A 566 -15.01 26.87 -3.63
C GLY A 566 -15.11 25.85 -2.52
N LEU A 567 -14.58 26.19 -1.36
CA LEU A 567 -14.43 25.22 -0.29
C LEU A 567 -14.53 25.93 1.04
N LYS A 568 -15.07 25.28 2.04
CA LYS A 568 -14.98 25.81 3.38
C LYS A 568 -14.97 24.69 4.38
N ALA A 569 -13.77 24.44 4.92
CA ALA A 569 -13.59 23.51 6.02
C ALA A 569 -14.06 24.19 7.30
N THR A 570 -14.84 23.46 8.08
CA THR A 570 -15.41 24.03 9.30
C THR A 570 -15.82 22.99 10.33
N ASN A 571 -15.83 23.44 11.58
CA ASN A 571 -16.26 22.67 12.71
C ASN A 571 -17.72 22.98 12.99
N VAL A 572 -18.61 22.04 12.67
CA VAL A 572 -20.05 22.28 12.76
C VAL A 572 -20.51 22.68 14.18
N HIS A 573 -19.85 22.11 15.18
CA HIS A 573 -20.15 22.35 16.59
C HIS A 573 -19.47 23.60 17.05
N ARG A 574 -18.16 23.47 17.28
CA ARG A 574 -17.30 24.50 17.84
C ARG A 574 -17.54 25.87 17.22
N VAL A 575 -17.81 26.83 18.10
CA VAL A 575 -17.98 28.24 17.74
C VAL A 575 -17.03 29.03 18.64
N ILE A 576 -15.97 29.58 18.05
CA ILE A 576 -14.95 30.28 18.82
C ILE A 576 -15.26 31.76 18.98
N GLY A 577 -15.29 32.21 20.23
CA GLY A 577 -15.26 33.65 20.55
C GLY A 577 -16.55 34.44 20.55
N SER A 578 -16.40 35.74 20.89
CA SER A 578 -17.51 36.68 21.01
C SER A 578 -16.97 38.09 21.21
N ASN A 579 -17.82 39.08 20.86
CA ASN A 579 -17.56 40.49 21.12
C ASN A 579 -18.88 41.16 21.57
N PRO A 580 -18.82 42.42 22.03
CA PRO A 580 -20.01 43.12 22.54
C PRO A 580 -21.23 43.16 21.63
N CYS A 581 -21.05 42.99 20.32
CA CYS A 581 -22.18 42.97 19.39
C CYS A 581 -23.14 41.80 19.63
N ALA A 582 -22.63 40.71 20.19
CA ALA A 582 -23.40 39.47 20.39
C ALA A 582 -24.57 39.61 21.37
N GLU A 583 -24.56 40.70 22.13
CA GLU A 583 -25.63 41.00 23.08
C GLU A 583 -26.51 42.16 22.64
N GLU A 584 -27.77 41.85 22.37
CA GLU A 584 -28.82 42.81 22.04
C GLU A 584 -28.38 43.69 20.87
N ASN A 585 -27.70 43.07 19.91
CA ASN A 585 -27.11 43.74 18.75
C ASN A 585 -26.29 44.98 19.10
N GLY A 586 -25.62 44.90 20.24
CA GLY A 586 -24.85 46.03 20.78
C GLY A 586 -25.67 47.28 21.02
N GLY A 587 -26.99 47.12 21.07
CA GLY A 587 -27.93 48.24 21.25
C GLY A 587 -28.08 49.10 20.00
N CYS A 588 -27.85 48.49 18.83
CA CYS A 588 -27.96 49.16 17.55
C CYS A 588 -29.26 48.80 16.86
N SER A 589 -29.94 49.80 16.28
CA SER A 589 -31.25 49.59 15.66
C SER A 589 -31.19 48.77 14.35
N HIS A 590 -30.00 48.63 13.76
CA HIS A 590 -29.87 47.86 12.52
C HIS A 590 -28.62 47.02 12.48
N LEU A 591 -27.51 47.58 12.00
CA LEU A 591 -26.26 46.85 11.86
C LEU A 591 -25.29 47.10 13.03
N CYS A 592 -24.75 46.03 13.61
CA CYS A 592 -23.70 46.17 14.63
C CYS A 592 -22.34 45.83 14.06
N LEU A 593 -21.52 46.87 13.86
CA LEU A 593 -20.22 46.70 13.25
C LEU A 593 -19.12 46.94 14.27
N TYR A 594 -18.32 45.90 14.50
CA TYR A 594 -17.40 45.86 15.63
C TYR A 594 -15.99 46.22 15.22
N ARG A 595 -15.44 47.24 15.88
CA ARG A 595 -14.03 47.63 15.79
C ARG A 595 -13.28 47.09 17.01
N PRO A 596 -11.95 46.99 16.93
CA PRO A 596 -11.15 46.63 18.12
C PRO A 596 -11.14 47.74 19.17
N GLN A 597 -11.41 48.96 18.70
CA GLN A 597 -11.38 50.17 19.52
C GLN A 597 -12.75 50.46 20.14
N GLY A 598 -13.71 49.59 19.85
CA GLY A 598 -15.09 49.83 20.27
C GLY A 598 -16.09 49.17 19.33
N LEU A 599 -16.96 49.99 18.74
CA LEU A 599 -18.16 49.49 18.09
C LEU A 599 -18.89 50.67 17.54
N ARG A 600 -19.30 50.58 16.28
CA ARG A 600 -20.17 51.59 15.71
C ARG A 600 -21.42 50.94 15.12
N CYS A 601 -22.57 51.53 15.37
CA CYS A 601 -23.80 51.08 14.74
C CYS A 601 -23.84 51.60 13.32
N ALA A 602 -24.50 50.88 12.44
CA ALA A 602 -24.61 51.29 11.05
C ALA A 602 -26.03 51.21 10.51
N CYS A 603 -26.25 51.81 9.34
CA CYS A 603 -27.56 51.90 8.72
C CYS A 603 -27.56 51.37 7.29
N PRO A 604 -28.68 50.77 6.85
CA PRO A 604 -28.86 50.34 5.46
C PRO A 604 -28.76 51.49 4.46
N ILE A 605 -28.84 51.17 3.16
CA ILE A 605 -28.94 52.17 2.09
C ILE A 605 -30.13 53.08 2.38
N GLY A 606 -29.92 54.39 2.24
CA GLY A 606 -30.98 55.38 2.42
C GLY A 606 -31.20 55.80 3.85
N PHE A 607 -30.70 55.00 4.79
CA PHE A 607 -30.83 55.30 6.23
C PHE A 607 -29.71 56.22 6.72
N GLU A 608 -29.89 56.80 7.91
CA GLU A 608 -28.93 57.73 8.49
C GLU A 608 -29.09 57.66 10.01
N LEU A 609 -27.98 57.77 10.73
CA LEU A 609 -28.01 57.77 12.20
C LEU A 609 -28.64 59.06 12.75
N ILE A 610 -29.28 58.92 13.91
CA ILE A 610 -29.88 60.04 14.63
C ILE A 610 -28.84 60.65 15.58
N SER A 611 -29.29 61.52 16.49
CA SER A 611 -28.42 62.20 17.46
C SER A 611 -27.57 61.23 18.29
N ASP A 612 -28.20 60.20 18.85
CA ASP A 612 -27.46 59.09 19.46
C ASP A 612 -27.02 58.19 18.32
N MET A 613 -25.81 57.66 18.40
CA MET A 613 -25.25 56.85 17.31
C MET A 613 -25.68 55.38 17.41
N LYS A 614 -26.93 55.15 17.80
CA LYS A 614 -27.47 53.80 18.01
C LYS A 614 -28.77 53.52 17.24
N THR A 615 -29.43 54.56 16.76
CA THR A 615 -30.69 54.40 16.03
C THR A 615 -30.64 55.01 14.63
N CYS A 616 -31.15 54.27 13.65
CA CYS A 616 -31.17 54.71 12.24
C CYS A 616 -32.56 55.16 11.80
N ILE A 617 -32.62 56.32 11.15
CA ILE A 617 -33.88 56.89 10.65
C ILE A 617 -33.93 56.92 9.12
N VAL A 618 -35.08 57.28 8.57
CA VAL A 618 -35.20 57.55 7.13
C VAL A 618 -35.35 59.07 6.94
N PRO A 619 -34.22 59.78 6.66
CA PRO A 619 -34.19 61.24 6.59
C PRO A 619 -34.88 61.79 5.32
N LEU B 12 39.37 13.49 -16.47
CA LEU B 12 38.24 12.62 -16.93
C LEU B 12 38.55 11.12 -16.80
N LEU B 13 37.54 10.35 -16.37
CA LEU B 13 37.68 8.91 -16.15
C LEU B 13 36.43 8.16 -16.60
N TYR B 14 36.62 7.14 -17.45
CA TYR B 14 35.49 6.49 -18.11
C TYR B 14 35.55 4.97 -18.19
N ALA B 15 34.37 4.36 -18.36
CA ALA B 15 34.24 2.96 -18.73
C ALA B 15 33.73 2.87 -20.17
N ASN B 16 34.53 2.28 -21.05
CA ASN B 16 34.11 2.10 -22.45
C ASN B 16 33.47 0.73 -22.73
N ARG B 17 34.00 -0.30 -22.08
CA ARG B 17 33.42 -1.66 -22.03
C ARG B 17 34.47 -2.67 -21.58
N ARG B 18 35.60 -2.70 -22.26
CA ARG B 18 36.64 -3.69 -22.01
C ARG B 18 37.78 -3.17 -21.14
N ASP B 19 37.87 -1.85 -20.99
CA ASP B 19 38.89 -1.22 -20.15
C ASP B 19 38.39 0.05 -19.45
N LEU B 20 39.26 0.63 -18.63
CA LEU B 20 39.01 1.91 -17.96
C LEU B 20 40.23 2.80 -18.12
N ARG B 21 40.01 4.05 -18.50
CA ARG B 21 41.12 4.95 -18.87
C ARG B 21 40.97 6.40 -18.43
N LEU B 22 42.11 7.08 -18.31
CA LEU B 22 42.18 8.53 -18.11
C LEU B 22 42.48 9.23 -19.44
N VAL B 23 41.90 10.41 -19.63
CA VAL B 23 42.09 11.18 -20.86
C VAL B 23 42.38 12.65 -20.52
N ASP B 24 42.83 13.42 -21.53
CA ASP B 24 43.07 14.85 -21.40
C ASP B 24 44.14 15.16 -20.36
N VAL B 35 45.49 3.10 -17.68
CA VAL B 35 44.64 2.05 -18.24
C VAL B 35 44.38 0.97 -17.16
N VAL B 36 43.18 0.40 -17.16
CA VAL B 36 42.88 -0.85 -16.42
C VAL B 36 41.96 -1.73 -17.28
N GLY B 37 42.54 -2.70 -17.99
CA GLY B 37 41.80 -3.51 -18.95
C GLY B 37 41.75 -5.00 -18.67
N GLY B 38 41.14 -5.75 -19.58
CA GLY B 38 41.05 -7.20 -19.47
C GLY B 38 39.73 -7.73 -18.91
N LEU B 39 38.74 -6.85 -18.78
CA LEU B 39 37.42 -7.24 -18.29
C LEU B 39 36.37 -7.06 -19.37
N GLU B 40 35.24 -7.75 -19.25
CA GLU B 40 34.16 -7.61 -20.25
C GLU B 40 32.89 -7.07 -19.65
N ASP B 41 32.45 -5.92 -20.18
CA ASP B 41 31.18 -5.26 -19.80
C ASP B 41 31.26 -4.46 -18.49
N ALA B 42 32.17 -3.48 -18.43
CA ALA B 42 32.22 -2.58 -17.28
C ALA B 42 31.28 -1.40 -17.52
N ALA B 43 30.37 -1.17 -16.58
CA ALA B 43 29.30 -0.18 -16.74
C ALA B 43 29.51 1.08 -15.90
N ALA B 44 29.76 0.91 -14.60
CA ALA B 44 29.90 2.03 -13.66
C ALA B 44 31.31 2.15 -13.09
N VAL B 45 31.80 3.39 -12.99
CA VAL B 45 33.11 3.67 -12.39
C VAL B 45 33.01 4.84 -11.41
N ASP B 46 33.79 4.75 -10.33
CA ASP B 46 33.92 5.80 -9.35
C ASP B 46 35.32 5.70 -8.72
N PHE B 47 35.62 6.60 -7.78
CA PHE B 47 36.96 6.72 -7.23
C PHE B 47 36.98 7.29 -5.81
N VAL B 48 38.01 6.96 -5.06
CA VAL B 48 38.28 7.61 -3.80
C VAL B 48 39.70 8.16 -3.89
N PHE B 49 39.79 9.39 -4.39
CA PHE B 49 41.07 10.02 -4.76
C PHE B 49 42.05 10.16 -3.58
N SER B 50 41.53 10.46 -2.40
CA SER B 50 42.34 10.58 -1.19
C SER B 50 43.15 9.32 -0.91
N HIS B 51 42.49 8.17 -1.02
CA HIS B 51 43.11 6.86 -0.83
C HIS B 51 43.71 6.35 -2.11
N GLY B 52 43.51 7.09 -3.20
CA GLY B 52 44.01 6.71 -4.52
C GLY B 52 43.33 5.52 -5.16
N LEU B 53 42.25 5.05 -4.53
CA LEU B 53 41.50 3.87 -4.99
C LEU B 53 40.52 4.18 -6.13
N ILE B 54 40.21 3.15 -6.92
CA ILE B 54 39.35 3.29 -8.09
C ILE B 54 38.49 2.05 -8.28
N TYR B 55 37.16 2.23 -8.20
CA TYR B 55 36.18 1.15 -8.28
C TYR B 55 35.46 1.11 -9.62
N TRP B 56 35.02 -0.10 -10.01
CA TRP B 56 34.13 -0.31 -11.16
C TRP B 56 33.27 -1.54 -11.00
N SER B 57 32.10 -1.53 -11.66
CA SER B 57 31.24 -2.70 -11.72
C SER B 57 31.28 -3.34 -13.11
N ASP B 58 30.99 -4.64 -13.16
CA ASP B 58 30.98 -5.43 -14.38
C ASP B 58 29.62 -6.13 -14.52
N VAL B 59 28.89 -5.82 -15.61
CA VAL B 59 27.53 -6.36 -15.83
C VAL B 59 27.48 -7.78 -16.43
N SER B 60 28.63 -8.31 -16.83
CA SER B 60 28.78 -9.70 -17.26
C SER B 60 29.30 -10.55 -16.09
N GLU B 61 30.41 -10.09 -15.50
CA GLU B 61 31.01 -10.76 -14.33
C GLU B 61 30.16 -10.61 -13.08
N GLU B 62 29.20 -9.69 -13.11
CA GLU B 62 28.25 -9.48 -12.01
C GLU B 62 28.99 -9.18 -10.70
N ALA B 63 29.96 -8.27 -10.75
CA ALA B 63 30.79 -7.95 -9.60
C ALA B 63 31.27 -6.50 -9.59
N ILE B 64 31.83 -6.07 -8.46
CA ILE B 64 32.43 -4.74 -8.31
C ILE B 64 33.88 -4.90 -7.84
N LYS B 65 34.81 -4.15 -8.43
CA LYS B 65 36.22 -4.30 -8.08
C LYS B 65 36.91 -3.00 -7.67
N ARG B 66 38.19 -3.10 -7.29
CA ARG B 66 39.03 -1.92 -7.01
C ARG B 66 40.54 -2.13 -7.28
N THR B 67 41.21 -1.07 -7.73
CA THR B 67 42.67 -1.03 -7.90
C THR B 67 43.25 0.16 -7.15
N GLU B 68 44.58 0.16 -7.00
CA GLU B 68 45.30 1.29 -6.39
C GLU B 68 45.70 2.29 -7.48
N PHE B 69 46.82 2.97 -7.26
CA PHE B 69 47.54 3.64 -8.33
C PHE B 69 48.81 2.83 -8.54
N ASN B 70 48.66 1.50 -8.51
CA ASN B 70 49.76 0.55 -8.63
C ASN B 70 49.47 -0.54 -9.67
N VAL B 75 42.03 -5.30 -9.11
CA VAL B 75 42.80 -6.42 -8.58
C VAL B 75 42.42 -6.72 -7.12
N GLN B 76 41.22 -6.31 -6.74
CA GLN B 76 40.62 -6.67 -5.45
C GLN B 76 39.11 -6.74 -5.62
N ASN B 77 38.53 -7.83 -5.15
CA ASN B 77 37.09 -8.01 -5.23
C ASN B 77 36.36 -7.33 -4.10
N VAL B 78 35.29 -6.62 -4.44
CA VAL B 78 34.37 -6.03 -3.48
C VAL B 78 32.99 -6.30 -4.06
N VAL B 79 32.17 -7.06 -3.34
CA VAL B 79 30.86 -7.49 -3.85
C VAL B 79 30.96 -8.40 -5.07
N VAL B 80 30.58 -9.66 -4.88
CA VAL B 80 30.63 -10.65 -5.91
C VAL B 80 29.30 -11.41 -5.95
N SER B 81 28.87 -11.90 -4.80
CA SER B 81 27.64 -12.66 -4.71
C SER B 81 26.39 -11.79 -4.93
N GLY B 82 25.34 -12.42 -5.44
CA GLY B 82 24.01 -11.86 -5.52
C GLY B 82 23.85 -10.63 -6.37
N LEU B 83 24.33 -10.68 -7.61
CA LEU B 83 24.18 -9.51 -8.50
C LEU B 83 23.80 -9.82 -9.94
N LEU B 84 22.78 -9.10 -10.40
CA LEU B 84 22.43 -9.11 -11.81
C LEU B 84 22.52 -7.67 -12.30
N SER B 85 23.52 -7.37 -13.11
CA SER B 85 23.64 -6.04 -13.73
C SER B 85 23.55 -4.81 -12.78
N PRO B 86 24.70 -4.38 -12.23
CA PRO B 86 24.82 -3.07 -11.56
C PRO B 86 25.21 -1.92 -12.51
N ASP B 87 24.41 -0.84 -12.51
CA ASP B 87 24.60 0.28 -13.45
C ASP B 87 24.96 1.60 -12.79
N GLY B 88 25.04 1.60 -11.46
CA GLY B 88 25.41 2.79 -10.71
C GLY B 88 26.44 2.49 -9.63
N LEU B 89 27.46 3.34 -9.55
CA LEU B 89 28.47 3.24 -8.49
C LEU B 89 28.78 4.64 -7.98
N ALA B 90 28.59 4.87 -6.69
CA ALA B 90 29.03 6.11 -6.07
C ALA B 90 29.88 5.79 -4.85
N CYS B 91 30.97 6.54 -4.70
CA CYS B 91 31.86 6.42 -3.55
C CYS B 91 31.61 7.53 -2.56
N ASP B 92 31.60 7.17 -1.27
CA ASP B 92 31.40 8.09 -0.16
C ASP B 92 32.74 8.27 0.57
N TRP B 93 33.51 9.27 0.14
CA TRP B 93 34.83 9.57 0.69
C TRP B 93 34.81 10.06 2.11
N LEU B 94 33.72 10.70 2.51
CA LEU B 94 33.63 11.19 3.89
C LEU B 94 33.43 10.01 4.84
N GLY B 95 32.33 9.28 4.66
CA GLY B 95 32.01 8.12 5.50
C GLY B 95 32.80 6.86 5.22
N GLU B 96 33.58 6.88 4.13
CA GLU B 96 34.39 5.72 3.70
C GLU B 96 33.50 4.52 3.45
N LYS B 97 32.40 4.77 2.73
CA LYS B 97 31.43 3.72 2.33
C LYS B 97 31.21 3.69 0.81
N LEU B 98 30.62 2.59 0.33
CA LEU B 98 30.33 2.40 -1.08
C LEU B 98 28.85 2.13 -1.31
N TYR B 99 28.27 2.89 -2.24
CA TYR B 99 26.89 2.70 -2.68
C TYR B 99 26.88 2.20 -4.12
N TRP B 100 25.97 1.27 -4.43
CA TRP B 100 25.77 0.89 -5.81
C TRP B 100 24.31 0.71 -6.13
N THR B 101 23.98 0.62 -7.41
CA THR B 101 22.61 0.33 -7.81
C THR B 101 22.57 -0.98 -8.58
N ASP B 102 21.37 -1.52 -8.73
CA ASP B 102 21.13 -2.74 -9.48
C ASP B 102 19.78 -2.59 -10.17
N SER B 103 19.81 -2.49 -11.50
CA SER B 103 18.59 -2.28 -12.25
C SER B 103 17.74 -3.54 -12.31
N GLU B 104 18.38 -4.69 -12.11
CA GLU B 104 17.71 -5.98 -12.26
C GLU B 104 16.98 -6.46 -11.00
N THR B 105 17.65 -6.40 -9.84
CA THR B 105 17.02 -6.79 -8.58
C THR B 105 16.19 -5.70 -7.90
N ASN B 106 16.30 -4.46 -8.40
CA ASN B 106 15.66 -3.31 -7.77
C ASN B 106 16.12 -3.17 -6.34
N ARG B 107 17.41 -2.94 -6.15
CA ARG B 107 17.96 -2.69 -4.83
C ARG B 107 18.98 -1.57 -4.89
N ILE B 108 19.11 -0.83 -3.81
CA ILE B 108 20.21 0.12 -3.65
C ILE B 108 20.93 -0.40 -2.40
N GLU B 109 22.19 -0.76 -2.55
CA GLU B 109 22.94 -1.31 -1.42
C GLU B 109 24.08 -0.39 -1.02
N VAL B 110 24.56 -0.54 0.21
CA VAL B 110 25.72 0.18 0.70
C VAL B 110 26.62 -0.84 1.41
N SER B 111 27.89 -0.49 1.59
CA SER B 111 28.86 -1.36 2.29
C SER B 111 30.12 -0.58 2.61
N ASN B 112 30.94 -1.12 3.49
CA ASN B 112 32.31 -0.64 3.66
C ASN B 112 33.07 -0.66 2.35
N LEU B 113 34.19 0.08 2.31
CA LEU B 113 35.01 0.19 1.09
C LEU B 113 35.58 -1.15 0.60
N ASP B 114 35.66 -2.13 1.49
CA ASP B 114 36.06 -3.48 1.08
C ASP B 114 34.82 -4.33 0.76
N GLY B 115 33.68 -3.92 1.29
CA GLY B 115 32.42 -4.62 1.03
C GLY B 115 31.85 -5.35 2.23
N SER B 116 32.58 -5.34 3.35
CA SER B 116 32.03 -5.93 4.56
C SER B 116 30.75 -5.19 4.94
N LEU B 117 30.02 -5.72 5.90
CA LEU B 117 28.82 -5.06 6.42
C LEU B 117 27.81 -4.61 5.34
N ARG B 118 27.65 -5.45 4.32
CA ARG B 118 26.67 -5.17 3.27
C ARG B 118 25.28 -4.91 3.85
N LYS B 119 24.76 -3.72 3.53
CA LYS B 119 23.41 -3.36 3.93
C LYS B 119 22.65 -2.87 2.73
N VAL B 120 21.50 -3.49 2.49
CA VAL B 120 20.58 -3.00 1.47
C VAL B 120 19.85 -1.79 2.08
N LEU B 121 19.87 -0.65 1.38
CA LEU B 121 19.23 0.59 1.86
C LEU B 121 17.80 0.79 1.36
N PHE B 122 17.51 0.28 0.18
CA PHE B 122 16.21 0.46 -0.46
C PHE B 122 15.89 -0.75 -1.30
N TRP B 123 14.60 -1.09 -1.35
CA TRP B 123 14.14 -2.29 -2.03
C TRP B 123 12.72 -2.13 -2.47
N GLN B 124 11.98 -1.23 -1.81
CA GLN B 124 10.57 -1.00 -2.09
C GLN B 124 10.31 0.10 -3.10
N GLU B 125 9.21 -0.06 -3.83
CA GLU B 125 8.78 0.88 -4.87
C GLU B 125 9.96 1.36 -5.73
N LEU B 126 10.84 0.43 -6.10
CA LEU B 126 11.96 0.72 -7.00
C LEU B 126 11.73 0.04 -8.34
N ASP B 127 11.94 0.79 -9.42
CA ASP B 127 11.58 0.32 -10.76
C ASP B 127 12.79 -0.15 -11.56
N GLN B 128 13.58 0.79 -12.07
CA GLN B 128 14.87 0.46 -12.68
C GLN B 128 15.94 1.47 -12.23
N PRO B 129 16.57 1.20 -11.07
CA PRO B 129 17.55 2.12 -10.47
C PRO B 129 18.87 2.09 -11.23
N ARG B 130 19.31 3.28 -11.66
CA ARG B 130 20.41 3.38 -12.62
C ARG B 130 21.58 4.21 -12.09
N ALA B 131 21.61 5.52 -12.37
CA ALA B 131 22.71 6.39 -11.96
C ALA B 131 22.66 6.76 -10.47
N ILE B 132 23.83 6.96 -9.88
CA ILE B 132 23.88 7.38 -8.49
C ILE B 132 24.92 8.47 -8.24
N ALA B 133 24.66 9.29 -7.23
CA ALA B 133 25.51 10.42 -6.88
C ALA B 133 25.26 10.75 -5.43
N LEU B 134 26.31 11.19 -4.73
CA LEU B 134 26.23 11.37 -3.29
C LEU B 134 26.55 12.79 -2.85
N ASP B 135 26.15 13.12 -1.62
CA ASP B 135 26.47 14.40 -1.02
C ASP B 135 26.86 14.18 0.43
N PRO B 136 28.10 13.70 0.67
CA PRO B 136 28.63 13.41 1.99
C PRO B 136 28.46 14.53 3.03
N SER B 137 28.56 15.79 2.63
CA SER B 137 28.54 16.87 3.62
C SER B 137 27.15 17.46 3.93
N SER B 138 26.10 16.83 3.39
CA SER B 138 24.72 17.13 3.76
C SER B 138 23.96 15.83 3.97
N GLY B 139 24.70 14.72 3.85
CA GLY B 139 24.18 13.37 3.99
C GLY B 139 23.03 13.03 3.06
N PHE B 140 23.15 13.38 1.78
CA PHE B 140 22.08 13.17 0.81
C PHE B 140 22.54 12.41 -0.43
N MET B 141 21.74 11.44 -0.88
CA MET B 141 22.07 10.66 -2.05
C MET B 141 21.03 10.80 -3.13
N TYR B 142 21.49 10.69 -4.37
CA TYR B 142 20.65 10.93 -5.52
C TYR B 142 20.65 9.74 -6.46
N TRP B 143 19.49 9.37 -6.98
CA TRP B 143 19.43 8.34 -8.01
C TRP B 143 18.31 8.50 -9.00
N THR B 144 18.38 7.68 -10.05
CA THR B 144 17.46 7.74 -11.18
C THR B 144 16.66 6.46 -11.23
N ASP B 145 15.48 6.55 -11.84
CA ASP B 145 14.61 5.40 -12.05
C ASP B 145 14.24 5.32 -13.52
N TRP B 146 14.37 4.12 -14.09
CA TRP B 146 14.11 3.88 -15.50
C TRP B 146 12.89 3.04 -15.69
N GLY B 147 11.86 3.29 -14.89
CA GLY B 147 10.69 2.43 -14.91
C GLY B 147 9.68 2.71 -16.00
N GLU B 148 8.45 2.24 -15.77
CA GLU B 148 7.31 2.67 -16.56
C GLU B 148 6.99 4.09 -16.12
N VAL B 149 7.15 4.33 -14.81
CA VAL B 149 6.98 5.65 -14.19
C VAL B 149 8.34 6.14 -13.68
N PRO B 150 9.13 6.78 -14.58
CA PRO B 150 10.53 7.10 -14.29
C PRO B 150 10.71 8.41 -13.50
N LYS B 151 11.75 8.47 -12.68
CA LYS B 151 11.96 9.62 -11.79
C LYS B 151 13.39 9.80 -11.25
N ILE B 152 13.72 11.01 -10.81
CA ILE B 152 14.94 11.23 -10.02
C ILE B 152 14.55 11.37 -8.55
N GLU B 153 15.26 10.65 -7.69
CA GLU B 153 14.96 10.65 -6.27
C GLU B 153 16.13 11.12 -5.42
N ARG B 154 15.79 11.65 -4.24
CA ARG B 154 16.76 12.00 -3.24
C ARG B 154 16.44 11.15 -2.01
N ALA B 155 17.47 10.72 -1.30
CA ALA B 155 17.30 9.97 -0.07
C ALA B 155 18.52 10.16 0.84
N GLY B 156 18.31 10.00 2.15
CA GLY B 156 19.39 10.08 3.11
C GLY B 156 20.34 8.89 2.98
N MET B 157 21.63 9.16 3.12
CA MET B 157 22.68 8.15 2.92
C MET B 157 22.64 7.03 3.99
N ASP B 158 21.49 6.98 4.70
CA ASP B 158 21.23 6.05 5.77
C ASP B 158 19.91 5.32 5.53
N GLY B 159 19.25 5.64 4.41
CA GLY B 159 17.94 5.06 4.09
C GLY B 159 16.71 5.82 4.56
N SER B 160 16.87 7.09 4.95
CA SER B 160 15.74 7.91 5.39
C SER B 160 15.47 9.09 4.46
N SER B 161 14.30 9.71 4.64
CA SER B 161 13.87 10.92 3.91
C SER B 161 13.70 10.75 2.39
N ARG B 162 13.43 9.52 1.96
CA ARG B 162 13.25 9.22 0.52
C ARG B 162 12.12 10.03 -0.12
N PHE B 163 12.50 10.81 -1.12
CA PHE B 163 11.60 11.76 -1.74
C PHE B 163 11.84 11.83 -3.26
N ILE B 164 10.74 11.83 -4.02
CA ILE B 164 10.81 12.02 -5.48
C ILE B 164 11.06 13.49 -5.75
N ILE B 165 12.16 13.80 -6.42
CA ILE B 165 12.46 15.20 -6.74
C ILE B 165 12.11 15.61 -8.18
N ILE B 166 11.98 14.62 -9.07
CA ILE B 166 11.56 14.84 -10.47
C ILE B 166 10.64 13.71 -10.96
N ASN B 167 9.44 14.06 -11.43
CA ASN B 167 8.45 13.05 -11.85
C ASN B 167 7.83 13.28 -13.23
N SER B 168 8.19 14.42 -13.84
CA SER B 168 7.61 14.85 -15.11
C SER B 168 8.71 15.16 -16.14
N GLU B 169 8.31 15.23 -17.43
CA GLU B 169 9.23 15.43 -18.57
C GLU B 169 10.54 14.60 -18.47
N ILE B 170 10.40 13.32 -18.13
CA ILE B 170 11.55 12.43 -17.94
C ILE B 170 11.30 11.02 -18.52
N TYR B 171 12.36 10.39 -19.02
CA TYR B 171 12.26 9.05 -19.59
C TYR B 171 13.40 8.14 -19.18
N TRP B 172 14.62 8.46 -19.62
CA TRP B 172 15.80 7.66 -19.24
C TRP B 172 16.87 8.53 -18.61
N PRO B 173 16.56 9.16 -17.46
CA PRO B 173 17.55 10.03 -16.85
C PRO B 173 18.78 9.23 -16.44
N ASN B 174 19.96 9.85 -16.52
CA ASN B 174 21.21 9.16 -16.25
C ASN B 174 22.32 10.15 -15.86
N GLY B 175 23.49 9.63 -15.53
CA GLY B 175 24.66 10.44 -15.22
C GLY B 175 24.33 11.65 -14.36
N LEU B 176 24.00 11.40 -13.09
CA LEU B 176 23.82 12.49 -12.14
C LEU B 176 25.16 13.02 -11.71
N THR B 177 25.23 14.33 -11.56
CA THR B 177 26.44 14.98 -11.07
C THR B 177 26.09 16.22 -10.26
N LEU B 178 26.97 16.53 -9.31
CA LEU B 178 26.69 17.55 -8.33
C LEU B 178 27.67 18.70 -8.41
N ASP B 179 27.14 19.91 -8.36
CA ASP B 179 27.96 21.09 -8.26
C ASP B 179 28.10 21.38 -6.77
N TYR B 180 29.23 20.96 -6.19
CA TYR B 180 29.53 21.27 -4.80
C TYR B 180 29.93 22.72 -4.65
N GLU B 181 30.29 23.34 -5.78
CA GLU B 181 30.53 24.76 -5.84
C GLU B 181 29.20 25.50 -5.71
N GLU B 182 28.19 25.05 -6.44
CA GLU B 182 26.97 25.84 -6.64
C GLU B 182 25.65 25.22 -6.18
N GLN B 183 25.73 24.14 -5.40
CA GLN B 183 24.52 23.46 -4.87
C GLN B 183 23.53 23.10 -5.98
N LYS B 184 24.06 22.69 -7.12
CA LYS B 184 23.25 22.39 -8.28
C LYS B 184 23.36 20.91 -8.64
N LEU B 185 22.30 20.40 -9.28
CA LEU B 185 22.25 19.05 -9.79
C LEU B 185 22.20 19.11 -11.31
N TYR B 186 22.94 18.23 -11.98
CA TYR B 186 22.92 18.13 -13.44
C TYR B 186 22.61 16.69 -13.86
N TRP B 187 21.73 16.52 -14.84
CA TRP B 187 21.40 15.19 -15.38
C TRP B 187 21.06 15.15 -16.83
N ALA B 188 21.09 13.96 -17.41
CA ALA B 188 20.81 13.74 -18.83
C ALA B 188 19.54 12.94 -19.05
N ASP B 189 19.17 12.75 -20.32
CA ASP B 189 18.15 11.79 -20.69
C ASP B 189 18.54 11.17 -22.03
N ALA B 190 18.49 9.84 -22.09
CA ALA B 190 18.93 9.10 -23.27
C ALA B 190 17.82 8.92 -24.33
N LYS B 191 16.58 9.19 -23.94
CA LYS B 191 15.43 9.07 -24.85
C LYS B 191 14.78 10.43 -25.15
N LEU B 192 15.12 11.43 -24.34
CA LEU B 192 14.63 12.78 -24.55
C LEU B 192 15.72 13.74 -25.02
N ASN B 193 16.97 13.28 -24.96
CA ASN B 193 18.13 13.98 -25.50
C ASN B 193 18.34 15.41 -25.01
N PHE B 194 17.98 15.65 -23.75
CA PHE B 194 18.25 16.94 -23.12
C PHE B 194 19.26 16.79 -21.99
N ILE B 195 19.80 17.92 -21.54
CA ILE B 195 20.62 17.99 -20.32
C ILE B 195 20.08 19.16 -19.49
N HIS B 196 19.67 18.86 -18.26
CA HIS B 196 19.09 19.88 -17.40
C HIS B 196 19.90 20.11 -16.15
N LYS B 197 19.78 21.32 -15.62
CA LYS B 197 20.29 21.65 -14.29
C LYS B 197 19.10 21.84 -13.38
N SER B 198 19.36 21.71 -12.07
CA SER B 198 18.33 21.87 -11.07
C SER B 198 18.94 22.35 -9.79
N ASN B 199 18.08 22.88 -8.92
CA ASN B 199 18.44 23.07 -7.52
C ASN B 199 18.54 21.69 -6.88
N LEU B 200 18.42 21.64 -5.56
CA LEU B 200 18.48 20.35 -4.89
C LEU B 200 17.12 19.73 -4.59
N ASP B 201 16.12 20.54 -4.22
CA ASP B 201 14.76 20.01 -4.08
C ASP B 201 14.11 19.60 -5.42
N GLY B 202 14.75 19.94 -6.54
CA GLY B 202 14.26 19.58 -7.86
C GLY B 202 13.76 20.78 -8.67
N THR B 203 13.72 21.92 -8.01
CA THR B 203 13.13 23.14 -8.56
C THR B 203 14.14 23.93 -9.42
N ASN B 204 13.65 24.95 -10.14
CA ASN B 204 14.44 25.64 -11.17
C ASN B 204 14.94 24.69 -12.27
N ARG B 205 13.99 24.06 -12.96
CA ARG B 205 14.29 23.24 -14.12
C ARG B 205 14.85 24.11 -15.24
N GLN B 206 16.16 24.05 -15.45
CA GLN B 206 16.75 24.79 -16.58
C GLN B 206 17.39 23.86 -17.60
N ALA B 207 16.90 23.96 -18.83
CA ALA B 207 17.55 23.31 -19.94
C ALA B 207 18.94 23.93 -20.09
N VAL B 208 19.97 23.10 -20.15
CA VAL B 208 21.27 23.56 -20.59
C VAL B 208 21.21 23.54 -22.11
N VAL B 209 20.51 22.52 -22.65
CA VAL B 209 20.32 22.27 -24.09
C VAL B 209 21.37 21.29 -24.58
N PRO B 216 23.65 11.25 -25.09
CA PRO B 216 24.11 11.65 -23.76
C PRO B 216 23.87 10.55 -22.70
N PHE B 217 24.91 9.78 -22.41
CA PHE B 217 24.79 8.65 -21.49
C PHE B 217 25.19 8.99 -20.05
N ALA B 218 26.37 9.55 -19.87
CA ALA B 218 26.82 9.98 -18.53
C ALA B 218 27.24 11.45 -18.47
N LEU B 219 27.51 11.95 -17.27
CA LEU B 219 27.89 13.36 -17.07
C LEU B 219 28.96 13.59 -16.03
N THR B 220 29.61 14.75 -16.13
CA THR B 220 30.40 15.32 -15.05
C THR B 220 30.52 16.82 -15.23
N LEU B 221 31.08 17.47 -14.21
CA LEU B 221 31.48 18.88 -14.27
C LEU B 221 32.91 18.97 -13.74
N PHE B 222 33.60 20.07 -14.04
CA PHE B 222 34.84 20.36 -13.33
C PHE B 222 34.93 21.81 -12.85
N GLU B 223 35.48 22.68 -13.67
CA GLU B 223 35.62 24.08 -13.27
C GLU B 223 34.32 24.82 -13.49
N ASP B 224 33.97 25.01 -14.75
CA ASP B 224 32.67 25.57 -15.14
C ASP B 224 32.28 25.05 -16.53
N ILE B 225 32.58 23.79 -16.76
CA ILE B 225 32.19 23.12 -18.00
C ILE B 225 31.80 21.68 -17.74
N LEU B 226 30.61 21.31 -18.18
CA LEU B 226 30.15 19.92 -18.12
C LEU B 226 30.72 19.11 -19.29
N TYR B 227 31.18 17.91 -19.00
CA TYR B 227 31.71 17.00 -20.02
C TYR B 227 30.86 15.74 -20.07
N TRP B 228 29.85 15.73 -20.94
CA TRP B 228 29.04 14.53 -21.12
C TRP B 228 29.62 13.62 -22.19
N THR B 229 28.83 12.66 -22.64
CA THR B 229 29.19 11.84 -23.79
C THR B 229 28.38 12.23 -25.03
N ASP B 230 27.40 11.40 -25.37
CA ASP B 230 26.76 11.46 -26.67
C ASP B 230 25.73 10.36 -26.79
N TRP B 231 24.96 10.41 -27.87
CA TRP B 231 24.14 9.28 -28.27
C TRP B 231 24.77 8.60 -29.45
N SER B 232 25.49 7.51 -29.18
CA SER B 232 26.26 6.74 -30.18
C SER B 232 27.07 7.55 -31.21
N THR B 233 27.46 8.77 -30.85
CA THR B 233 28.45 9.52 -31.64
C THR B 233 29.86 9.10 -31.21
N HIS B 234 29.93 8.34 -30.12
CA HIS B 234 31.13 7.64 -29.65
C HIS B 234 32.33 8.48 -29.28
N SER B 235 32.05 9.69 -28.81
CA SER B 235 33.08 10.64 -28.41
C SER B 235 32.83 11.16 -27.00
N ILE B 236 33.50 12.26 -26.65
CA ILE B 236 33.25 12.98 -25.39
C ILE B 236 33.12 14.48 -25.71
N LEU B 237 31.92 15.02 -25.52
CA LEU B 237 31.65 16.42 -25.79
C LEU B 237 31.62 17.29 -24.52
N ALA B 238 31.71 18.61 -24.69
CA ALA B 238 31.67 19.53 -23.57
C ALA B 238 31.01 20.87 -23.93
N CYS B 239 30.42 21.52 -22.92
CA CYS B 239 29.80 22.83 -23.10
C CYS B 239 29.92 23.65 -21.81
N ASN B 240 29.62 24.95 -21.91
CA ASN B 240 29.59 25.81 -20.74
C ASN B 240 28.55 25.32 -19.74
N LYS B 241 28.92 25.34 -18.46
CA LYS B 241 28.04 24.98 -17.35
C LYS B 241 26.73 25.78 -17.36
N TYR B 242 26.85 27.09 -17.51
CA TYR B 242 25.73 28.02 -17.39
C TYR B 242 24.96 28.20 -18.70
N THR B 243 25.66 28.60 -19.76
CA THR B 243 25.02 28.87 -21.05
C THR B 243 24.91 27.61 -21.90
N GLY B 244 26.02 26.87 -22.00
CA GLY B 244 26.10 25.73 -22.91
C GLY B 244 26.67 26.12 -24.26
N GLU B 245 26.90 27.42 -24.45
CA GLU B 245 27.44 27.97 -25.68
C GLU B 245 28.93 27.68 -25.75
N GLY B 246 29.29 26.67 -26.51
CA GLY B 246 30.69 26.21 -26.62
C GLY B 246 30.70 24.71 -26.69
N LEU B 247 29.90 24.18 -27.62
CA LEU B 247 29.65 22.76 -27.71
C LEU B 247 30.77 22.05 -28.45
N ARG B 248 31.99 22.22 -27.93
CA ARG B 248 33.18 21.63 -28.55
C ARG B 248 33.38 20.15 -28.17
N GLU B 249 34.08 19.43 -29.05
CA GLU B 249 34.36 18.00 -28.88
C GLU B 249 35.77 17.82 -28.31
N ILE B 250 35.93 16.84 -27.42
CA ILE B 250 37.20 16.67 -26.71
C ILE B 250 38.01 15.48 -27.19
N HIS B 251 37.34 14.35 -27.43
CA HIS B 251 38.03 13.10 -27.81
C HIS B 251 37.14 12.10 -28.50
N SER B 252 37.55 11.69 -29.70
CA SER B 252 36.86 10.66 -30.49
C SER B 252 37.22 9.24 -29.98
N ASP B 253 36.77 8.21 -30.69
CA ASP B 253 37.00 6.80 -30.31
C ASP B 253 36.42 6.46 -28.93
N MET B 258 30.75 4.73 -21.87
CA MET B 258 29.71 4.68 -20.84
C MET B 258 29.96 5.73 -19.74
N ASP B 259 29.96 5.29 -18.48
CA ASP B 259 30.03 6.18 -17.30
C ASP B 259 31.24 7.11 -17.35
N ILE B 260 31.06 8.35 -16.87
CA ILE B 260 32.11 9.37 -16.93
C ILE B 260 32.15 10.19 -15.63
N HIS B 261 33.36 10.40 -15.13
CA HIS B 261 33.60 11.20 -13.91
C HIS B 261 34.93 11.91 -13.93
N ALA B 262 34.92 13.14 -13.43
CA ALA B 262 36.11 13.97 -13.39
C ALA B 262 37.07 13.51 -12.30
N PHE B 263 38.31 13.25 -12.69
CA PHE B 263 39.34 12.75 -11.77
C PHE B 263 40.19 13.88 -11.16
N SER B 264 39.73 14.39 -10.02
CA SER B 264 40.42 15.46 -9.27
C SER B 264 40.00 15.45 -7.81
N GLN B 265 40.98 15.57 -6.92
CA GLN B 265 40.74 15.66 -5.47
C GLN B 265 39.74 16.77 -5.10
N GLN B 266 39.94 17.95 -5.68
CA GLN B 266 39.04 19.11 -5.47
C GLN B 266 37.60 18.86 -5.95
N ARG B 267 37.38 17.68 -6.53
CA ARG B 267 36.07 17.20 -6.89
C ARG B 267 35.37 16.63 -5.64
N GLN B 268 36.18 16.16 -4.69
CA GLN B 268 35.67 15.61 -3.44
C GLN B 268 36.24 16.38 -2.26
N PRO B 269 35.43 17.27 -1.66
CA PRO B 269 35.97 18.20 -0.67
C PRO B 269 36.31 17.53 0.66
N ASN B 270 37.35 18.03 1.31
CA ASN B 270 37.69 17.56 2.64
C ASN B 270 36.65 18.03 3.66
N ALA B 271 36.30 17.13 4.58
CA ALA B 271 35.39 17.44 5.70
C ALA B 271 35.62 16.43 6.82
N THR B 272 35.55 16.90 8.06
CA THR B 272 35.58 16.01 9.22
C THR B 272 34.37 15.06 9.17
N ASN B 273 34.57 13.84 9.66
CA ASN B 273 33.53 12.80 9.68
C ASN B 273 32.62 12.92 10.91
N PRO B 274 31.31 13.19 10.70
CA PRO B 274 30.36 13.43 11.80
C PRO B 274 30.34 12.35 12.89
N CYS B 275 30.87 11.17 12.58
CA CYS B 275 31.03 10.07 13.55
C CYS B 275 32.28 10.30 14.44
N GLY B 276 33.42 10.61 13.81
CA GLY B 276 34.64 10.94 14.55
C GLY B 276 35.71 9.85 14.55
N ILE B 277 36.52 9.85 15.61
CA ILE B 277 37.65 8.93 15.78
C ILE B 277 37.25 7.46 15.71
N ASP B 278 36.00 7.17 16.06
CA ASP B 278 35.41 5.86 15.88
C ASP B 278 34.14 6.00 15.05
N ASN B 279 33.48 4.86 14.79
CA ASN B 279 32.19 4.82 14.11
C ASN B 279 31.07 5.55 14.86
N GLY B 280 31.40 6.66 15.52
CA GLY B 280 30.41 7.42 16.27
C GLY B 280 29.64 6.58 17.28
N GLY B 281 30.25 5.49 17.72
CA GLY B 281 29.64 4.57 18.67
C GLY B 281 28.89 3.40 18.04
N CYS B 282 29.02 3.25 16.72
CA CYS B 282 28.34 2.17 16.00
C CYS B 282 29.12 0.86 16.08
N SER B 283 28.39 -0.25 16.24
CA SER B 283 28.99 -1.60 16.29
C SER B 283 29.44 -2.08 14.92
N HIS B 284 28.68 -1.67 13.89
CA HIS B 284 29.02 -2.01 12.51
C HIS B 284 29.11 -0.76 11.65
N LEU B 285 28.01 -0.33 11.02
CA LEU B 285 28.08 0.82 10.10
C LEU B 285 27.67 2.17 10.72
N CYS B 286 28.51 3.20 10.49
CA CYS B 286 28.17 4.59 10.78
C CYS B 286 27.96 5.30 9.46
N LEU B 287 26.71 5.34 9.00
CA LEU B 287 26.37 5.93 7.71
C LEU B 287 26.04 7.41 7.85
N MET B 288 26.32 8.19 6.79
CA MET B 288 25.98 9.62 6.76
C MET B 288 24.46 9.84 6.79
N SER B 289 24.06 10.99 7.35
CA SER B 289 22.65 11.32 7.55
C SER B 289 22.41 12.83 7.44
N PRO B 290 21.22 13.22 6.90
CA PRO B 290 20.93 14.65 6.80
C PRO B 290 20.28 15.22 8.05
N VAL B 291 19.97 14.36 9.02
CA VAL B 291 19.09 14.75 10.13
C VAL B 291 19.82 15.44 11.29
N LYS B 292 19.91 14.77 12.45
CA LYS B 292 20.31 15.48 13.67
C LYS B 292 21.81 15.49 13.88
N PRO B 293 22.41 14.34 14.29
CA PRO B 293 23.85 14.34 14.49
C PRO B 293 24.62 14.17 13.17
N PHE B 294 23.88 13.96 12.08
CA PHE B 294 24.45 13.78 10.73
C PHE B 294 25.12 12.42 10.49
N TYR B 295 25.02 11.54 11.48
CA TYR B 295 25.41 10.15 11.33
C TYR B 295 24.29 9.25 11.84
N GLN B 296 24.29 8.01 11.36
CA GLN B 296 23.28 7.04 11.72
C GLN B 296 23.91 5.65 11.79
N CYS B 297 23.79 5.02 12.95
CA CYS B 297 24.23 3.65 13.12
C CYS B 297 23.37 2.70 12.28
N ALA B 298 24.05 1.84 11.52
CA ALA B 298 23.38 0.92 10.61
C ALA B 298 23.82 -0.50 10.84
N CYS B 299 22.90 -1.43 10.59
CA CYS B 299 23.19 -2.86 10.67
C CYS B 299 23.13 -3.50 9.28
N PRO B 300 24.00 -4.51 9.02
CA PRO B 300 23.92 -5.28 7.77
C PRO B 300 22.53 -5.86 7.51
N THR B 301 22.22 -6.09 6.24
CA THR B 301 20.88 -6.57 5.85
C THR B 301 20.44 -7.82 6.63
N GLY B 302 19.21 -7.78 7.13
CA GLY B 302 18.64 -8.88 7.89
C GLY B 302 18.84 -8.77 9.40
N VAL B 303 19.98 -8.18 9.80
CA VAL B 303 20.33 -7.90 11.20
C VAL B 303 19.48 -6.74 11.75
N LYS B 304 19.04 -6.86 13.00
CA LYS B 304 18.18 -5.84 13.60
C LYS B 304 18.96 -4.92 14.54
N LEU B 305 18.55 -3.65 14.60
CA LEU B 305 19.24 -2.63 15.41
C LEU B 305 18.74 -2.63 16.86
N LEU B 306 19.69 -2.65 17.80
CA LEU B 306 19.31 -2.67 19.22
C LEU B 306 18.67 -1.36 19.67
N GLU B 307 18.01 -1.43 20.83
CA GLU B 307 17.21 -0.33 21.35
C GLU B 307 18.03 0.94 21.63
N ASN B 308 19.29 0.76 22.04
CA ASN B 308 20.21 1.88 22.23
C ASN B 308 20.56 2.58 20.91
N GLY B 309 20.03 2.05 19.81
CA GLY B 309 20.20 2.59 18.47
C GLY B 309 21.64 2.71 18.01
N LYS B 310 22.52 1.87 18.55
CA LYS B 310 23.94 1.94 18.20
C LYS B 310 24.57 0.60 17.92
N THR B 311 24.11 -0.43 18.63
CA THR B 311 24.70 -1.76 18.51
C THR B 311 23.75 -2.68 17.76
N CYS B 312 24.32 -3.61 16.99
CA CYS B 312 23.55 -4.67 16.36
C CYS B 312 23.70 -5.95 17.17
N LYS B 313 22.97 -6.99 16.80
CA LYS B 313 23.11 -8.30 17.44
C LYS B 313 24.26 -9.11 16.87
N ASP B 314 24.78 -8.64 15.74
CA ASP B 314 25.59 -9.45 14.83
C ASP B 314 24.84 -10.73 14.46
N GLY B 315 23.96 -10.61 13.48
CA GLY B 315 23.23 -11.75 12.96
C GLY B 315 21.75 -11.62 13.21
N ALA B 316 20.99 -12.06 12.22
CA ALA B 316 19.55 -12.23 12.36
C ALA B 316 19.36 -13.36 13.35
N THR B 317 18.19 -13.45 13.97
CA THR B 317 17.95 -14.50 14.95
C THR B 317 17.14 -15.66 14.35
N GLU B 318 16.40 -15.36 13.28
CA GLU B 318 15.64 -16.36 12.54
C GLU B 318 15.97 -16.26 11.06
N LEU B 319 16.47 -17.35 10.49
CA LEU B 319 16.93 -17.39 9.10
C LEU B 319 16.28 -18.48 8.28
N LEU B 320 15.77 -18.13 7.11
CA LEU B 320 15.33 -19.12 6.14
C LEU B 320 16.51 -19.46 5.25
N LEU B 321 16.98 -20.70 5.35
CA LEU B 321 18.09 -21.14 4.52
C LEU B 321 17.56 -21.70 3.22
N LEU B 322 18.13 -21.22 2.11
CA LEU B 322 17.63 -21.55 0.78
C LEU B 322 18.62 -22.41 0.00
N ALA B 323 18.10 -23.46 -0.63
CA ALA B 323 18.89 -24.33 -1.49
C ALA B 323 18.35 -24.23 -2.89
N ARG B 324 19.12 -23.59 -3.77
CA ARG B 324 18.81 -23.56 -5.18
C ARG B 324 19.58 -24.70 -5.84
N ARG B 325 19.49 -24.82 -7.16
CA ARG B 325 20.18 -25.91 -7.85
C ARG B 325 21.70 -25.72 -7.79
N THR B 326 22.14 -24.52 -8.16
CA THR B 326 23.57 -24.21 -8.24
C THR B 326 23.94 -23.04 -7.33
N ASP B 327 23.51 -23.08 -6.06
CA ASP B 327 23.45 -21.84 -5.29
C ASP B 327 22.81 -21.99 -3.92
N LEU B 328 23.49 -21.58 -2.85
CA LEU B 328 22.82 -21.55 -1.54
C LEU B 328 22.66 -20.13 -1.05
N ARG B 329 21.40 -19.77 -0.75
CA ARG B 329 21.10 -18.42 -0.29
C ARG B 329 20.51 -18.40 1.13
N ARG B 330 20.35 -17.19 1.66
CA ARG B 330 20.00 -16.97 3.06
C ARG B 330 19.08 -15.75 3.27
N ILE B 331 17.94 -15.96 3.92
CA ILE B 331 16.98 -14.87 4.16
C ILE B 331 16.64 -14.71 5.64
N SER B 332 16.76 -13.48 6.13
CA SER B 332 16.47 -13.14 7.52
C SER B 332 14.96 -12.96 7.75
N LEU B 333 14.49 -13.43 8.91
CA LEU B 333 13.07 -13.31 9.28
C LEU B 333 12.86 -12.22 10.33
N ASP B 334 13.93 -11.48 10.65
CA ASP B 334 13.91 -10.40 11.63
C ASP B 334 13.42 -9.07 11.05
N THR B 335 13.80 -8.80 9.81
CA THR B 335 13.51 -7.54 9.14
C THR B 335 12.51 -7.72 7.99
N PRO B 336 11.69 -6.69 7.69
CA PRO B 336 10.61 -6.80 6.68
C PRO B 336 11.04 -6.84 5.21
N ASP B 337 12.32 -6.66 4.93
CA ASP B 337 12.81 -6.60 3.54
C ASP B 337 12.88 -7.95 2.80
N PHE B 338 13.36 -9.00 3.49
CA PHE B 338 13.51 -10.35 2.92
C PHE B 338 14.40 -10.43 1.67
N THR B 339 15.71 -10.26 1.84
CA THR B 339 16.64 -10.37 0.70
C THR B 339 17.35 -11.71 0.67
N ASP B 340 17.75 -12.09 -0.54
CA ASP B 340 18.30 -13.41 -0.80
C ASP B 340 19.65 -13.61 -0.12
N ILE B 341 20.53 -12.63 -0.20
CA ILE B 341 21.95 -12.78 0.20
C ILE B 341 22.57 -14.14 -0.16
N VAL B 342 23.14 -14.25 -1.36
CA VAL B 342 23.85 -15.47 -1.74
C VAL B 342 25.07 -15.71 -0.86
N LEU B 343 25.26 -16.97 -0.46
CA LEU B 343 26.50 -17.41 0.18
C LEU B 343 27.63 -17.52 -0.84
N GLN B 344 28.84 -17.15 -0.41
CA GLN B 344 30.03 -17.17 -1.25
C GLN B 344 30.63 -18.57 -1.25
N LEU B 345 29.97 -19.49 -1.94
CA LEU B 345 30.38 -20.90 -1.95
C LEU B 345 30.70 -21.38 -3.36
N GLU B 346 31.67 -22.29 -3.44
CA GLU B 346 32.17 -22.74 -4.74
C GLU B 346 31.64 -24.12 -5.21
N ASP B 347 31.45 -24.23 -6.52
CA ASP B 347 31.17 -25.50 -7.23
C ASP B 347 29.93 -26.26 -6.73
N ILE B 348 28.80 -25.56 -6.70
CA ILE B 348 27.52 -26.15 -6.33
C ILE B 348 26.72 -26.41 -7.59
N ARG B 349 26.43 -27.69 -7.85
CA ARG B 349 25.69 -28.08 -9.03
C ARG B 349 24.73 -29.18 -8.61
N HIS B 350 23.45 -28.82 -8.51
CA HIS B 350 22.40 -29.73 -8.04
C HIS B 350 22.38 -30.01 -6.54
N ALA B 351 22.25 -28.95 -5.76
CA ALA B 351 21.96 -29.07 -4.33
C ALA B 351 20.55 -29.64 -4.16
N ILE B 352 20.28 -30.24 -3.00
CA ILE B 352 19.07 -31.02 -2.78
C ILE B 352 18.41 -30.72 -1.42
N ALA B 353 19.02 -31.22 -0.35
CA ALA B 353 18.48 -31.02 0.98
C ALA B 353 19.44 -30.13 1.77
N ILE B 354 18.92 -29.52 2.83
CA ILE B 354 19.71 -28.58 3.62
C ILE B 354 19.32 -28.66 5.09
N ASP B 355 20.22 -28.29 5.98
CA ASP B 355 19.90 -28.21 7.40
C ASP B 355 21.00 -27.46 8.14
N TYR B 356 20.74 -27.12 9.41
CA TYR B 356 21.60 -26.23 10.14
C TYR B 356 21.88 -26.72 11.55
N ASP B 357 23.10 -26.48 12.02
CA ASP B 357 23.53 -26.79 13.38
C ASP B 357 23.81 -25.47 14.11
N PRO B 358 22.85 -24.98 14.91
CA PRO B 358 23.01 -23.75 15.70
C PRO B 358 24.18 -23.74 16.69
N VAL B 359 24.77 -24.89 16.97
CA VAL B 359 25.82 -24.92 17.98
C VAL B 359 27.12 -24.35 17.46
N GLU B 360 27.57 -24.81 16.30
CA GLU B 360 28.81 -24.32 15.72
C GLU B 360 28.53 -23.33 14.59
N GLY B 361 27.27 -23.29 14.15
CA GLY B 361 26.84 -22.40 13.07
C GLY B 361 27.13 -23.00 11.70
N TYR B 362 27.27 -24.32 11.65
CA TYR B 362 27.54 -25.01 10.41
C TYR B 362 26.22 -25.30 9.72
N ILE B 363 26.22 -25.09 8.41
CA ILE B 363 25.05 -25.35 7.56
C ILE B 363 25.38 -26.45 6.55
N TYR B 364 24.61 -27.54 6.62
CA TYR B 364 24.88 -28.76 5.82
C TYR B 364 23.97 -28.89 4.62
N TRP B 365 24.55 -29.38 3.52
CA TRP B 365 23.75 -29.68 2.33
C TRP B 365 24.21 -30.89 1.56
N THR B 366 23.28 -31.50 0.84
CA THR B 366 23.57 -32.63 -0.01
C THR B 366 23.50 -32.21 -1.47
N ASP B 367 24.29 -32.85 -2.34
CA ASP B 367 24.35 -32.51 -3.76
C ASP B 367 24.43 -33.78 -4.61
N ASP B 368 23.69 -33.81 -5.71
CA ASP B 368 23.53 -35.04 -6.50
C ASP B 368 24.55 -35.17 -7.64
N GLU B 369 25.15 -34.05 -8.07
CA GLU B 369 26.19 -34.08 -9.10
C GLU B 369 27.61 -34.06 -8.53
N VAL B 370 27.81 -33.27 -7.48
CA VAL B 370 29.07 -33.28 -6.74
C VAL B 370 29.15 -34.63 -6.01
N ARG B 371 27.98 -35.26 -5.84
CA ARG B 371 27.82 -36.57 -5.17
C ARG B 371 28.27 -36.55 -3.73
N ALA B 372 28.17 -35.39 -3.09
CA ALA B 372 28.74 -35.23 -1.77
C ALA B 372 27.80 -34.54 -0.79
N ILE B 373 28.16 -34.61 0.50
CA ILE B 373 27.61 -33.77 1.57
C ILE B 373 28.72 -32.81 2.02
N ARG B 374 28.35 -31.54 2.19
CA ARG B 374 29.26 -30.51 2.64
C ARG B 374 28.63 -29.63 3.71
N ARG B 375 29.48 -28.85 4.38
CA ARG B 375 29.05 -27.83 5.32
C ARG B 375 29.87 -26.55 5.12
N SER B 376 29.35 -25.43 5.64
CA SER B 376 30.06 -24.16 5.64
C SER B 376 29.52 -23.30 6.77
N PHE B 377 30.04 -22.09 6.91
CA PHE B 377 29.48 -21.12 7.84
C PHE B 377 28.32 -20.38 7.15
N ILE B 378 27.70 -19.44 7.85
CA ILE B 378 26.46 -18.80 7.37
C ILE B 378 26.75 -17.81 6.24
N ASP B 379 27.98 -17.33 6.19
CA ASP B 379 28.49 -16.51 5.08
C ASP B 379 29.17 -17.39 4.01
N GLY B 380 29.23 -18.70 4.28
CA GLY B 380 29.77 -19.66 3.35
C GLY B 380 31.28 -19.70 3.31
N SER B 381 31.93 -19.25 4.38
CA SER B 381 33.40 -19.25 4.44
C SER B 381 33.97 -20.66 4.56
N GLY B 382 33.95 -21.23 5.77
CA GLY B 382 34.63 -22.51 6.10
C GLY B 382 34.10 -23.75 5.40
N SER B 383 33.95 -23.66 4.09
CA SER B 383 33.44 -24.76 3.28
C SER B 383 34.27 -26.01 3.55
N GLN B 384 33.60 -27.15 3.57
CA GLN B 384 34.24 -28.41 3.90
C GLN B 384 33.50 -29.57 3.23
N PHE B 385 34.21 -30.65 2.90
CA PHE B 385 33.53 -31.88 2.52
C PHE B 385 33.42 -32.80 3.71
N VAL B 386 32.24 -33.37 3.87
CA VAL B 386 31.92 -34.18 5.04
C VAL B 386 31.81 -35.64 4.62
N VAL B 387 30.91 -35.94 3.68
CA VAL B 387 30.78 -37.28 3.10
C VAL B 387 30.96 -37.23 1.58
N THR B 388 31.93 -38.00 1.07
CA THR B 388 32.21 -38.09 -0.37
C THR B 388 32.16 -39.51 -0.94
N ALA B 389 32.48 -40.50 -0.10
CA ALA B 389 32.51 -41.90 -0.54
C ALA B 389 31.19 -42.62 -0.25
N GLN B 390 30.93 -43.67 -1.03
CA GLN B 390 29.67 -44.43 -0.99
C GLN B 390 28.38 -43.58 -0.90
N ILE B 391 28.33 -42.53 -1.72
CA ILE B 391 27.17 -41.66 -1.80
C ILE B 391 26.70 -41.53 -3.25
N ALA B 392 25.62 -42.25 -3.57
CA ALA B 392 25.15 -42.35 -4.93
C ALA B 392 24.19 -41.22 -5.23
N HIS B 393 23.20 -41.03 -4.35
CA HIS B 393 22.09 -40.09 -4.57
C HIS B 393 21.60 -39.60 -3.24
N PRO B 394 22.33 -38.67 -2.61
CA PRO B 394 21.91 -38.20 -1.30
C PRO B 394 20.67 -37.38 -1.51
N ASP B 395 19.93 -37.08 -0.44
CA ASP B 395 18.63 -36.42 -0.60
C ASP B 395 18.09 -35.76 0.67
N GLY B 396 17.68 -36.56 1.65
CA GLY B 396 17.24 -36.00 2.91
C GLY B 396 18.46 -35.80 3.76
N ILE B 397 18.49 -34.71 4.54
CA ILE B 397 19.57 -34.49 5.49
C ILE B 397 19.09 -33.72 6.69
N ALA B 398 19.32 -34.28 7.87
CA ALA B 398 18.94 -33.64 9.13
C ALA B 398 20.05 -33.76 10.17
N VAL B 399 20.31 -32.64 10.81
CA VAL B 399 21.36 -32.45 11.83
C VAL B 399 20.88 -32.88 13.21
N ASP B 400 21.71 -33.64 13.93
CA ASP B 400 21.38 -34.04 15.32
C ASP B 400 22.28 -33.28 16.30
N TRP B 401 21.83 -32.07 16.65
CA TRP B 401 22.65 -31.09 17.39
C TRP B 401 22.99 -31.45 18.81
N VAL B 402 22.18 -32.31 19.42
CA VAL B 402 22.43 -32.76 20.78
C VAL B 402 23.51 -33.84 20.78
N ALA B 403 23.19 -35.00 20.23
CA ALA B 403 24.10 -36.14 20.14
C ALA B 403 25.30 -35.86 19.24
N ARG B 404 25.25 -34.74 18.53
CA ARG B 404 26.37 -34.26 17.76
C ARG B 404 26.59 -35.14 16.53
N ASN B 405 25.48 -35.68 16.00
CA ASN B 405 25.51 -36.59 14.86
C ASN B 405 24.80 -36.02 13.65
N LEU B 406 25.03 -36.65 12.50
CA LEU B 406 24.41 -36.23 11.24
C LEU B 406 23.78 -37.40 10.49
N TYR B 407 22.47 -37.30 10.24
CA TYR B 407 21.74 -38.34 9.52
C TYR B 407 21.47 -37.86 8.11
N TRP B 408 21.40 -38.80 7.17
CA TRP B 408 20.96 -38.50 5.82
C TRP B 408 20.33 -39.70 5.18
N THR B 409 19.70 -39.48 4.04
CA THR B 409 19.15 -40.56 3.25
C THR B 409 19.75 -40.56 1.85
N ASP B 410 19.89 -41.76 1.29
CA ASP B 410 20.40 -41.95 -0.06
C ASP B 410 19.40 -42.78 -0.84
N THR B 411 18.76 -42.16 -1.81
CA THR B 411 17.81 -42.85 -2.69
C THR B 411 18.48 -43.82 -3.70
N GLY B 412 19.81 -43.81 -3.77
CA GLY B 412 20.56 -44.67 -4.70
C GLY B 412 20.80 -46.08 -4.18
N THR B 413 21.27 -46.16 -2.93
CA THR B 413 21.50 -47.43 -2.26
C THR B 413 20.29 -47.84 -1.39
N ASP B 414 19.40 -46.87 -1.18
CA ASP B 414 18.21 -47.01 -0.32
C ASP B 414 18.62 -47.29 1.12
N ARG B 415 19.28 -46.32 1.73
CA ARG B 415 19.81 -46.47 3.08
C ARG B 415 19.76 -45.16 3.85
N ILE B 416 19.48 -45.27 5.15
CA ILE B 416 19.51 -44.15 6.07
C ILE B 416 20.76 -44.28 6.92
N GLU B 417 21.75 -43.46 6.65
CA GLU B 417 23.05 -43.60 7.29
C GLU B 417 23.34 -42.49 8.31
N VAL B 418 24.20 -42.77 9.29
CA VAL B 418 24.55 -41.77 10.29
C VAL B 418 26.08 -41.63 10.47
N THR B 419 26.52 -40.38 10.58
CA THR B 419 27.91 -40.06 10.95
C THR B 419 27.91 -39.18 12.21
N ARG B 420 29.10 -38.85 12.70
CA ARG B 420 29.22 -37.71 13.58
C ARG B 420 29.25 -36.50 12.67
N LEU B 421 28.93 -35.33 13.21
CA LEU B 421 28.83 -34.14 12.38
C LEU B 421 30.11 -33.84 11.60
N ASN B 422 31.26 -34.29 12.12
CA ASN B 422 32.56 -34.20 11.43
C ASN B 422 32.43 -34.82 10.04
N GLY B 423 32.01 -36.09 10.00
CA GLY B 423 32.01 -36.92 8.81
C GLY B 423 32.58 -38.30 9.15
N THR B 424 33.04 -38.46 10.39
CA THR B 424 33.63 -39.72 10.83
C THR B 424 32.59 -40.65 11.45
N MET B 425 32.96 -41.92 11.61
CA MET B 425 32.14 -42.90 12.36
C MET B 425 30.84 -43.32 11.65
N ARG B 426 30.91 -43.37 10.33
CA ARG B 426 29.78 -43.72 9.47
C ARG B 426 29.19 -45.09 9.82
N LYS B 427 27.86 -45.16 9.84
CA LYS B 427 27.13 -46.39 10.12
C LYS B 427 25.86 -46.45 9.28
N ILE B 428 25.62 -47.61 8.66
CA ILE B 428 24.36 -47.82 7.94
C ILE B 428 23.24 -48.13 8.94
N LEU B 429 22.24 -47.27 8.99
CA LEU B 429 21.23 -47.31 10.02
C LEU B 429 20.01 -48.17 9.67
N ILE B 430 19.52 -48.06 8.44
CA ILE B 430 18.43 -48.92 7.98
C ILE B 430 18.72 -49.38 6.54
N SER B 431 18.51 -50.66 6.28
CA SER B 431 18.74 -51.25 4.95
C SER B 431 17.53 -52.05 4.50
N GLU B 432 17.17 -53.04 5.31
CA GLU B 432 16.18 -54.04 4.94
C GLU B 432 14.83 -53.38 4.85
N ASP B 433 13.98 -53.88 3.95
CA ASP B 433 12.63 -53.32 3.71
C ASP B 433 12.64 -51.78 3.65
N LEU B 434 13.61 -51.23 2.94
CA LEU B 434 13.71 -49.78 2.75
C LEU B 434 13.90 -49.44 1.28
N GLU B 435 13.17 -48.41 0.86
CA GLU B 435 13.12 -48.00 -0.51
C GLU B 435 12.82 -46.53 -0.56
N GLU B 436 13.57 -45.81 -1.39
CA GLU B 436 13.40 -44.38 -1.58
C GLU B 436 13.06 -43.56 -0.32
N PRO B 437 13.97 -43.53 0.68
CA PRO B 437 13.79 -42.59 1.80
C PRO B 437 14.10 -41.17 1.32
N ARG B 438 13.19 -40.22 1.55
CA ARG B 438 13.34 -38.95 0.83
C ARG B 438 13.40 -37.63 1.65
N ALA B 439 12.92 -37.67 2.87
CA ALA B 439 12.96 -36.51 3.75
C ALA B 439 13.02 -37.05 5.16
N ILE B 440 13.85 -36.44 5.98
CA ILE B 440 14.17 -36.99 7.28
C ILE B 440 14.23 -35.87 8.30
N VAL B 441 13.59 -36.08 9.44
CA VAL B 441 13.61 -35.09 10.51
C VAL B 441 14.00 -35.72 11.86
N LEU B 442 14.39 -34.90 12.81
CA LEU B 442 14.89 -35.40 14.07
C LEU B 442 14.25 -34.71 15.27
N ASP B 443 13.94 -35.52 16.28
CA ASP B 443 13.36 -35.05 17.54
C ASP B 443 14.24 -35.61 18.64
N PRO B 444 15.38 -34.95 18.93
CA PRO B 444 16.37 -35.55 19.84
C PRO B 444 15.95 -35.51 21.29
N MET B 445 15.05 -34.58 21.62
CA MET B 445 14.57 -34.46 23.00
C MET B 445 13.89 -35.78 23.33
N VAL B 446 13.13 -36.27 22.36
CA VAL B 446 12.28 -37.42 22.55
C VAL B 446 13.04 -38.67 22.18
N GLY B 447 13.83 -38.57 21.10
CA GLY B 447 14.61 -39.69 20.58
C GLY B 447 13.99 -40.35 19.36
N TYR B 448 13.46 -39.54 18.46
CA TYR B 448 12.73 -40.08 17.31
C TYR B 448 13.20 -39.48 15.98
N MET B 449 13.27 -40.33 14.97
CA MET B 449 13.49 -39.85 13.62
C MET B 449 12.29 -40.25 12.81
N TYR B 450 11.80 -39.32 12.00
CA TYR B 450 10.72 -39.60 11.08
C TYR B 450 11.17 -39.34 9.66
N TRP B 451 10.71 -40.20 8.74
CA TRP B 451 11.05 -40.04 7.33
C TRP B 451 9.99 -40.50 6.39
N THR B 452 9.94 -39.88 5.22
CA THR B 452 9.09 -40.31 4.11
C THR B 452 9.74 -41.48 3.36
N ASP B 453 8.90 -42.43 2.97
CA ASP B 453 9.37 -43.73 2.54
C ASP B 453 8.46 -44.29 1.45
N TRP B 454 8.93 -44.21 0.22
CA TRP B 454 8.27 -44.83 -0.90
C TRP B 454 8.74 -46.27 -0.95
N GLY B 455 8.18 -47.10 -0.08
CA GLY B 455 8.52 -48.51 -0.03
C GLY B 455 7.89 -49.27 -1.20
N GLU B 456 6.94 -50.13 -0.87
CA GLU B 456 6.09 -50.80 -1.86
C GLU B 456 4.84 -49.95 -2.02
N ILE B 457 4.15 -49.78 -0.91
CA ILE B 457 3.12 -48.76 -0.71
C ILE B 457 3.84 -47.63 0.01
N PRO B 458 3.72 -46.38 -0.52
CA PRO B 458 4.33 -45.20 0.11
C PRO B 458 3.76 -44.87 1.50
N LYS B 459 4.60 -44.33 2.38
CA LYS B 459 4.20 -44.07 3.76
C LYS B 459 5.12 -43.11 4.53
N ILE B 460 4.71 -42.80 5.77
CA ILE B 460 5.55 -42.08 6.76
C ILE B 460 5.93 -43.02 7.90
N GLU B 461 7.21 -43.06 8.25
CA GLU B 461 7.68 -43.91 9.34
C GLU B 461 8.35 -43.13 10.46
N ARG B 462 8.31 -43.71 11.66
CA ARG B 462 9.08 -43.23 12.81
C ARG B 462 9.91 -44.39 13.32
N ALA B 463 11.14 -44.10 13.71
CA ALA B 463 12.02 -45.02 14.45
C ALA B 463 12.75 -44.20 15.49
N ALA B 464 13.37 -44.87 16.45
CA ALA B 464 14.25 -44.19 17.40
C ALA B 464 15.56 -43.77 16.72
N LEU B 465 16.35 -42.94 17.39
CA LEU B 465 17.59 -42.42 16.79
C LEU B 465 18.61 -43.48 16.37
N ASP B 466 18.50 -44.69 16.91
CA ASP B 466 19.32 -45.81 16.43
C ASP B 466 18.60 -46.60 15.34
N GLY B 467 17.69 -45.93 14.62
CA GLY B 467 16.90 -46.53 13.56
C GLY B 467 16.18 -47.79 13.96
N SER B 468 15.89 -47.91 15.26
CA SER B 468 15.31 -49.11 15.85
C SER B 468 13.87 -49.30 15.41
N ASP B 469 12.94 -49.17 16.35
CA ASP B 469 11.54 -49.59 16.19
C ASP B 469 10.82 -48.95 15.01
N ARG B 470 10.94 -49.54 13.83
CA ARG B 470 10.27 -49.00 12.67
C ARG B 470 8.75 -49.17 12.78
N VAL B 471 8.07 -48.04 12.94
CA VAL B 471 6.62 -47.99 12.97
C VAL B 471 6.11 -47.12 11.83
N VAL B 472 5.15 -47.67 11.07
CA VAL B 472 4.43 -46.92 10.04
C VAL B 472 3.50 -45.96 10.76
N LEU B 473 3.69 -44.68 10.49
CA LEU B 473 2.99 -43.63 11.19
C LEU B 473 1.75 -43.25 10.40
N VAL B 474 1.95 -42.83 9.16
CA VAL B 474 0.84 -42.60 8.26
C VAL B 474 0.91 -43.63 7.13
N ASN B 475 -0.09 -44.48 7.09
CA ASN B 475 -0.12 -45.63 6.21
C ASN B 475 -1.06 -45.36 5.03
N THR B 476 -2.18 -44.71 5.32
CA THR B 476 -3.31 -44.59 4.41
C THR B 476 -3.49 -43.16 3.91
N SER B 477 -4.11 -43.04 2.72
CA SER B 477 -4.39 -41.74 2.07
C SER B 477 -3.14 -40.93 1.75
N LEU B 478 -2.12 -41.63 1.23
CA LEU B 478 -0.89 -40.99 0.78
C LEU B 478 -0.61 -41.29 -0.70
N GLY B 479 -0.29 -40.24 -1.45
CA GLY B 479 0.04 -40.35 -2.86
C GLY B 479 1.54 -40.38 -3.06
N TRP B 480 2.17 -39.22 -2.87
CA TRP B 480 3.62 -39.12 -2.85
C TRP B 480 4.07 -38.07 -1.87
N PRO B 481 4.17 -38.44 -0.59
CA PRO B 481 4.47 -37.46 0.45
C PRO B 481 5.80 -36.75 0.15
N ASN B 482 5.79 -35.43 0.10
CA ASN B 482 6.98 -34.71 -0.33
C ASN B 482 7.90 -34.24 0.80
N GLY B 483 7.41 -33.38 1.67
CA GLY B 483 8.26 -32.83 2.75
C GLY B 483 7.84 -33.19 4.16
N LEU B 484 8.78 -33.11 5.10
CA LEU B 484 8.49 -33.37 6.52
C LEU B 484 9.01 -32.25 7.40
N ALA B 485 8.15 -31.71 8.25
CA ALA B 485 8.61 -30.68 9.18
C ALA B 485 8.05 -30.91 10.56
N LEU B 486 8.91 -30.77 11.56
CA LEU B 486 8.49 -30.87 12.95
C LEU B 486 8.12 -29.53 13.55
N ASP B 487 7.11 -29.56 14.41
CA ASP B 487 6.76 -28.46 15.29
C ASP B 487 7.17 -28.94 16.68
N TYR B 488 8.43 -28.69 17.04
CA TYR B 488 9.02 -29.19 18.29
C TYR B 488 8.19 -28.86 19.51
N ASP B 489 7.76 -27.61 19.61
CA ASP B 489 7.09 -27.10 20.81
C ASP B 489 5.67 -27.66 20.99
N GLU B 490 5.03 -28.03 19.88
CA GLU B 490 3.65 -28.51 19.92
C GLU B 490 3.55 -30.03 19.74
N GLY B 491 4.68 -30.68 19.51
CA GLY B 491 4.69 -32.10 19.21
C GLY B 491 3.85 -32.43 17.98
N LYS B 492 4.07 -31.68 16.90
CA LYS B 492 3.35 -31.91 15.64
C LYS B 492 4.28 -32.14 14.46
N ILE B 493 3.76 -32.83 13.45
CA ILE B 493 4.50 -33.06 12.22
C ILE B 493 3.64 -32.73 10.98
N TYR B 494 4.23 -31.95 10.08
CA TYR B 494 3.59 -31.55 8.83
C TYR B 494 4.24 -32.24 7.63
N TRP B 495 3.44 -32.52 6.61
CA TRP B 495 3.92 -33.01 5.33
C TRP B 495 2.98 -32.67 4.21
N GLY B 496 3.53 -32.46 3.02
CA GLY B 496 2.72 -32.24 1.82
C GLY B 496 2.66 -33.45 0.92
N ASP B 497 1.67 -33.47 0.02
CA ASP B 497 1.53 -34.59 -0.91
C ASP B 497 1.46 -34.11 -2.37
N ALA B 498 2.46 -34.48 -3.16
CA ALA B 498 2.56 -34.09 -4.57
C ALA B 498 1.48 -34.74 -5.47
N LYS B 499 0.81 -35.76 -4.95
CA LYS B 499 -0.20 -36.48 -5.71
C LYS B 499 -1.62 -36.05 -5.31
N THR B 500 -1.80 -35.67 -4.06
CA THR B 500 -3.10 -35.21 -3.55
C THR B 500 -3.26 -33.68 -3.53
N ASP B 501 -2.13 -32.97 -3.45
CA ASP B 501 -2.11 -31.49 -3.37
C ASP B 501 -2.66 -30.98 -2.05
N LYS B 502 -2.24 -31.64 -0.97
CA LYS B 502 -2.75 -31.37 0.37
C LYS B 502 -1.61 -31.29 1.37
N ILE B 503 -1.39 -30.10 1.94
CA ILE B 503 -0.47 -29.92 3.06
C ILE B 503 -1.19 -30.36 4.33
N GLU B 504 -0.69 -31.40 4.98
CA GLU B 504 -1.37 -31.95 6.15
C GLU B 504 -0.57 -31.76 7.43
N VAL B 505 -1.26 -31.85 8.56
CA VAL B 505 -0.64 -31.76 9.87
C VAL B 505 -1.20 -32.89 10.73
N MET B 506 -0.45 -33.29 11.75
CA MET B 506 -0.84 -34.38 12.64
C MET B 506 0.12 -34.40 13.82
N ASN B 507 -0.36 -34.82 14.99
CA ASN B 507 0.53 -35.02 16.15
C ASN B 507 1.33 -36.30 16.00
N THR B 508 2.58 -36.25 16.45
CA THR B 508 3.52 -37.38 16.35
C THR B 508 2.95 -38.70 16.86
N ASP B 509 1.87 -38.62 17.63
CA ASP B 509 1.13 -39.78 18.10
C ASP B 509 0.51 -40.51 16.93
N GLY B 510 -0.02 -39.75 15.98
CA GLY B 510 -0.82 -40.28 14.88
C GLY B 510 -2.23 -39.70 14.87
N THR B 511 -2.68 -39.23 16.04
CA THR B 511 -3.98 -38.58 16.19
C THR B 511 -3.91 -37.10 15.84
N GLY B 512 -5.02 -36.54 15.37
CA GLY B 512 -5.10 -35.11 15.06
C GLY B 512 -4.86 -34.79 13.59
N ARG B 513 -4.99 -35.82 12.75
CA ARG B 513 -4.75 -35.69 11.31
C ARG B 513 -5.82 -34.84 10.65
N ARG B 514 -5.37 -33.78 9.99
CA ARG B 514 -6.24 -32.90 9.25
C ARG B 514 -5.46 -32.31 8.11
N VAL B 515 -6.16 -31.77 7.11
CA VAL B 515 -5.51 -31.03 6.05
C VAL B 515 -5.38 -29.57 6.48
N LEU B 516 -4.15 -29.08 6.50
CA LEU B 516 -3.88 -27.67 6.76
C LEU B 516 -4.44 -26.84 5.61
N VAL B 517 -3.68 -26.70 4.54
CA VAL B 517 -4.11 -25.94 3.36
C VAL B 517 -3.93 -26.76 2.08
N GLU B 518 -4.59 -26.32 1.01
CA GLU B 518 -4.43 -26.94 -0.29
C GLU B 518 -3.46 -26.14 -1.15
N ASP B 519 -2.60 -26.83 -1.86
CA ASP B 519 -1.48 -26.22 -2.59
C ASP B 519 -1.07 -27.07 -3.76
N LYS B 520 -0.60 -26.43 -4.82
CA LYS B 520 -0.05 -27.16 -5.95
C LYS B 520 1.38 -27.52 -5.62
N ILE B 521 1.56 -28.69 -4.99
CA ILE B 521 2.87 -29.19 -4.59
C ILE B 521 3.66 -29.59 -5.83
N PRO B 522 4.86 -29.01 -6.00
CA PRO B 522 5.76 -29.47 -7.04
C PRO B 522 6.48 -30.78 -6.68
N HIS B 523 6.91 -31.51 -7.70
CA HIS B 523 7.99 -32.49 -7.58
C HIS B 523 9.21 -31.66 -7.31
N ILE B 524 10.02 -32.07 -6.34
CA ILE B 524 11.11 -31.25 -5.80
C ILE B 524 10.46 -30.11 -5.01
N PHE B 525 10.37 -30.31 -3.69
CA PHE B 525 9.55 -29.47 -2.84
C PHE B 525 10.33 -29.13 -1.58
N GLY B 526 10.57 -27.84 -1.39
CA GLY B 526 11.15 -27.32 -0.14
C GLY B 526 10.06 -26.90 0.84
N PHE B 527 10.17 -27.41 2.07
CA PHE B 527 9.07 -27.34 3.04
C PHE B 527 9.67 -27.37 4.44
N THR B 528 9.36 -26.34 5.22
CA THR B 528 10.02 -26.11 6.51
C THR B 528 9.22 -25.21 7.46
N LEU B 529 9.52 -25.32 8.75
CA LEU B 529 8.72 -24.66 9.79
C LEU B 529 9.54 -24.10 10.95
N LEU B 530 9.21 -22.88 11.38
CA LEU B 530 9.88 -22.26 12.53
C LEU B 530 8.94 -21.68 13.61
N GLY B 531 8.42 -20.47 13.37
CA GLY B 531 7.67 -19.79 14.42
C GLY B 531 6.25 -20.28 14.49
N ASP B 532 5.32 -19.39 14.19
CA ASP B 532 3.94 -19.77 13.96
C ASP B 532 3.68 -19.93 12.45
N TYR B 533 4.75 -19.97 11.67
CA TYR B 533 4.65 -20.02 10.21
C TYR B 533 5.25 -21.31 9.64
N VAL B 534 4.72 -21.73 8.49
CA VAL B 534 5.38 -22.76 7.68
C VAL B 534 5.82 -22.14 6.36
N TYR B 535 6.97 -22.56 5.87
CA TYR B 535 7.52 -22.08 4.59
C TYR B 535 7.59 -23.18 3.55
N TRP B 536 7.12 -22.89 2.35
CA TRP B 536 7.24 -23.82 1.23
C TRP B 536 7.41 -23.18 -0.11
N THR B 537 7.75 -24.03 -1.08
CA THR B 537 8.06 -23.62 -2.43
C THR B 537 6.82 -23.81 -3.30
N ASP B 538 6.50 -22.79 -4.09
CA ASP B 538 5.35 -22.86 -4.97
C ASP B 538 5.62 -23.71 -6.20
N TRP B 539 4.53 -24.02 -6.92
CA TRP B 539 4.56 -24.70 -8.20
C TRP B 539 5.20 -23.76 -9.17
N GLN B 540 6.29 -24.19 -9.78
CA GLN B 540 7.15 -23.35 -10.63
C GLN B 540 8.43 -23.08 -9.89
N ARG B 541 8.42 -23.39 -8.60
CA ARG B 541 9.66 -23.37 -7.80
C ARG B 541 10.39 -22.04 -8.01
N ARG B 542 9.60 -20.96 -8.07
CA ARG B 542 10.09 -19.60 -8.20
C ARG B 542 9.72 -18.76 -7.00
N SER B 543 8.69 -19.17 -6.27
CA SER B 543 8.19 -18.41 -5.13
C SER B 543 8.19 -19.20 -3.84
N ILE B 544 8.48 -18.50 -2.74
CA ILE B 544 8.32 -19.06 -1.42
C ILE B 544 7.08 -18.47 -0.78
N GLU B 545 6.20 -19.36 -0.31
CA GLU B 545 4.98 -18.95 0.32
C GLU B 545 5.11 -19.20 1.82
N ARG B 546 4.93 -18.13 2.60
CA ARG B 546 4.87 -18.26 4.03
C ARG B 546 3.41 -18.32 4.43
N VAL B 547 3.09 -19.27 5.31
CA VAL B 547 1.73 -19.39 5.79
C VAL B 547 1.66 -19.65 7.28
N HIS B 548 0.82 -18.88 7.95
CA HIS B 548 0.58 -19.01 9.38
C HIS B 548 0.05 -20.39 9.64
N LYS B 549 0.80 -21.15 10.44
CA LYS B 549 0.45 -22.52 10.79
C LYS B 549 -0.91 -22.59 11.45
N ARG B 550 -1.18 -21.56 12.26
CA ARG B 550 -2.40 -21.47 13.04
C ARG B 550 -3.56 -20.98 12.16
N SER B 551 -3.40 -19.80 11.57
CA SER B 551 -4.43 -19.21 10.70
C SER B 551 -4.64 -20.01 9.40
N ALA B 552 -4.15 -19.44 8.31
CA ALA B 552 -4.24 -20.00 6.97
C ALA B 552 -3.82 -18.87 6.06
N GLU B 553 -3.22 -17.85 6.69
CA GLU B 553 -2.64 -16.68 6.03
C GLU B 553 -1.52 -17.06 5.06
N ARG B 554 -1.79 -16.93 3.76
CA ARG B 554 -0.79 -17.18 2.74
C ARG B 554 -0.34 -15.87 2.11
N GLU B 555 0.81 -15.39 2.54
CA GLU B 555 1.48 -14.27 1.88
C GLU B 555 2.75 -14.81 1.20
N VAL B 556 3.06 -14.30 0.02
CA VAL B 556 4.28 -14.67 -0.68
C VAL B 556 5.41 -13.80 -0.13
N ILE B 557 6.55 -14.42 0.22
CA ILE B 557 7.69 -13.63 0.72
C ILE B 557 8.64 -13.14 -0.37
N ILE B 558 9.44 -14.02 -0.96
CA ILE B 558 10.20 -13.64 -2.15
C ILE B 558 9.58 -14.29 -3.37
N ASP B 559 10.08 -13.91 -4.54
CA ASP B 559 9.47 -14.26 -5.81
C ASP B 559 10.55 -14.13 -6.87
N GLN B 560 10.30 -14.69 -8.05
CA GLN B 560 11.21 -14.56 -9.20
C GLN B 560 12.62 -14.99 -8.81
N LEU B 561 12.69 -16.08 -8.05
CA LEU B 561 13.94 -16.71 -7.67
C LEU B 561 13.84 -18.15 -8.12
N PRO B 562 14.17 -18.40 -9.41
CA PRO B 562 13.91 -19.68 -10.04
C PRO B 562 14.72 -20.83 -9.46
N ASP B 563 14.22 -22.04 -9.64
CA ASP B 563 14.95 -23.28 -9.39
C ASP B 563 15.29 -23.59 -7.93
N LEU B 564 14.28 -23.49 -7.08
CA LEU B 564 14.45 -23.81 -5.67
C LEU B 564 14.34 -25.30 -5.48
N MET B 565 15.03 -25.84 -4.48
CA MET B 565 15.11 -27.29 -4.31
C MET B 565 14.67 -27.77 -2.94
N GLY B 566 15.00 -26.99 -1.92
CA GLY B 566 14.78 -27.38 -0.52
C GLY B 566 14.87 -26.14 0.33
N LEU B 567 14.53 -26.27 1.61
CA LEU B 567 14.52 -25.14 2.54
C LEU B 567 14.75 -25.62 3.95
N LYS B 568 15.24 -24.74 4.81
CA LYS B 568 15.20 -24.96 6.23
C LYS B 568 15.18 -23.63 6.97
N ALA B 569 14.14 -23.46 7.79
CA ALA B 569 13.99 -22.32 8.65
C ALA B 569 14.52 -22.72 10.01
N THR B 570 15.25 -21.81 10.65
CA THR B 570 15.93 -22.12 11.90
C THR B 570 16.28 -20.87 12.70
N ASN B 571 16.14 -20.99 14.02
CA ASN B 571 16.61 -20.03 14.97
C ASN B 571 18.11 -20.17 15.02
N VAL B 572 18.82 -19.06 14.84
CA VAL B 572 20.25 -19.10 14.58
C VAL B 572 21.03 -19.67 15.76
N HIS B 573 20.64 -19.25 16.96
CA HIS B 573 21.26 -19.76 18.18
C HIS B 573 20.19 -20.00 19.20
N ARG B 574 19.91 -21.28 19.49
CA ARG B 574 18.79 -21.65 20.35
C ARG B 574 19.02 -22.87 21.24
N VAL B 575 19.16 -24.04 20.60
CA VAL B 575 19.21 -25.35 21.27
C VAL B 575 17.93 -25.63 22.08
N ILE B 576 16.98 -26.32 21.44
CA ILE B 576 15.61 -26.50 21.98
C ILE B 576 15.53 -27.34 23.28
N GLY B 577 16.42 -28.31 23.40
CA GLY B 577 16.50 -29.17 24.59
C GLY B 577 17.76 -30.01 24.49
N SER B 578 17.84 -31.07 25.28
CA SER B 578 18.97 -32.00 25.18
C SER B 578 18.60 -33.42 25.62
N ASN B 579 19.61 -34.26 25.76
CA ASN B 579 19.46 -35.61 26.27
C ASN B 579 20.79 -36.09 26.88
N PRO B 580 20.83 -37.31 27.46
CA PRO B 580 22.07 -37.72 28.13
C PRO B 580 23.23 -38.00 27.17
N CYS B 581 22.97 -37.99 25.87
CA CYS B 581 24.01 -38.19 24.86
C CYS B 581 24.95 -37.01 24.84
N ALA B 582 24.43 -35.84 25.20
CA ALA B 582 25.24 -34.62 25.32
C ALA B 582 26.29 -34.79 26.41
N GLU B 583 25.93 -35.56 27.43
CA GLU B 583 26.83 -35.84 28.55
C GLU B 583 27.91 -36.87 28.15
N GLU B 584 29.10 -36.36 27.86
CA GLU B 584 30.26 -37.16 27.43
C GLU B 584 29.95 -38.30 26.45
N ASN B 585 29.25 -37.95 25.37
CA ASN B 585 28.82 -38.88 24.34
C ASN B 585 28.09 -40.11 24.89
N GLY B 586 27.50 -39.95 26.07
CA GLY B 586 26.94 -41.05 26.83
C GLY B 586 27.94 -42.17 27.14
N GLY B 587 29.20 -41.79 27.24
CA GLY B 587 30.28 -42.74 27.51
C GLY B 587 30.60 -43.73 26.40
N CYS B 588 29.84 -43.68 25.30
CA CYS B 588 30.12 -44.49 24.11
C CYS B 588 31.42 -44.01 23.49
N SER B 589 32.20 -44.93 22.93
CA SER B 589 33.43 -44.53 22.25
C SER B 589 33.13 -43.84 20.94
N HIS B 590 32.12 -44.34 20.22
CA HIS B 590 31.82 -43.85 18.87
C HIS B 590 30.50 -43.12 18.71
N LEU B 591 29.39 -43.83 18.74
CA LEU B 591 28.09 -43.24 18.44
C LEU B 591 27.12 -43.29 19.61
N CYS B 592 26.55 -42.14 19.96
CA CYS B 592 25.52 -42.08 20.99
C CYS B 592 24.16 -41.92 20.35
N LEU B 593 23.39 -42.99 20.40
CA LEU B 593 22.14 -43.06 19.70
C LEU B 593 21.02 -43.19 20.72
N TYR B 594 20.33 -42.07 20.90
CA TYR B 594 19.30 -41.92 21.92
C TYR B 594 17.97 -42.56 21.53
N ARG B 595 17.53 -43.46 22.41
CA ARG B 595 16.21 -44.05 22.37
C ARG B 595 15.45 -43.36 23.47
N PRO B 596 14.13 -43.14 23.26
CA PRO B 596 13.25 -42.59 24.30
C PRO B 596 13.44 -43.28 25.66
N GLN B 597 13.61 -44.60 25.63
CA GLN B 597 13.82 -45.42 26.84
C GLN B 597 15.29 -45.54 27.21
N GLY B 598 16.13 -44.66 26.67
CA GLY B 598 17.54 -44.63 27.05
C GLY B 598 18.54 -44.92 25.94
N LEU B 599 19.66 -44.20 25.99
CA LEU B 599 20.71 -44.27 24.95
C LEU B 599 21.24 -45.67 24.71
N ARG B 600 21.69 -45.86 23.48
CA ARG B 600 22.29 -47.11 23.06
C ARG B 600 23.52 -46.70 22.25
N CYS B 601 24.65 -47.34 22.53
CA CYS B 601 25.88 -47.11 21.77
C CYS B 601 25.98 -47.99 20.52
N ALA B 602 26.39 -47.37 19.42
CA ALA B 602 26.56 -48.06 18.15
C ALA B 602 27.97 -47.90 17.59
N CYS B 603 28.32 -48.75 16.63
CA CYS B 603 29.64 -48.76 16.04
C CYS B 603 29.64 -48.47 14.52
N PRO B 604 30.72 -47.83 14.02
CA PRO B 604 30.94 -47.71 12.57
C PRO B 604 31.14 -49.05 11.86
N ILE B 605 31.21 -49.04 10.54
CA ILE B 605 31.28 -50.28 9.75
C ILE B 605 32.60 -51.04 10.00
N GLY B 606 32.47 -52.35 10.16
CA GLY B 606 33.59 -53.21 10.52
C GLY B 606 33.97 -53.06 11.98
N PHE B 607 32.99 -52.68 12.81
CA PHE B 607 33.20 -52.51 14.25
C PHE B 607 32.13 -53.23 15.05
N GLU B 608 32.51 -53.68 16.25
CA GLU B 608 31.59 -54.31 17.19
C GLU B 608 31.77 -53.73 18.59
N LEU B 609 30.70 -53.73 19.39
CA LEU B 609 30.78 -53.35 20.79
C LEU B 609 31.41 -54.46 21.58
N ILE B 610 31.99 -54.14 22.73
CA ILE B 610 32.53 -55.17 23.61
C ILE B 610 31.72 -55.33 24.88
N SER B 611 32.25 -56.09 25.84
CA SER B 611 31.54 -56.50 27.05
C SER B 611 30.83 -55.39 27.81
N ASP B 612 31.27 -54.14 27.62
CA ASP B 612 30.72 -53.00 28.37
C ASP B 612 29.55 -52.32 27.65
N MET B 613 29.33 -52.71 26.39
CA MET B 613 28.24 -52.19 25.57
C MET B 613 28.46 -50.72 25.20
N LYS B 614 29.69 -50.24 25.39
CA LYS B 614 30.00 -48.83 25.21
C LYS B 614 31.15 -48.55 24.25
N THR B 615 32.13 -49.46 24.14
CA THR B 615 33.28 -49.19 23.25
C THR B 615 33.41 -50.06 21.99
N CYS B 616 33.80 -49.43 20.90
CA CYS B 616 33.89 -50.06 19.59
C CYS B 616 35.26 -50.61 19.24
N ILE B 617 35.27 -51.81 18.66
CA ILE B 617 36.49 -52.55 18.37
C ILE B 617 36.58 -52.97 16.91
N VAL B 618 37.79 -53.01 16.37
CA VAL B 618 38.01 -53.51 15.02
C VAL B 618 38.07 -55.05 15.01
C1 NAG C . -33.56 37.84 11.34
C2 NAG C . -32.67 37.82 12.61
C3 NAG C . -33.00 38.93 13.62
C4 NAG C . -34.47 39.35 13.70
C5 NAG C . -35.35 38.44 12.85
C6 NAG C . -36.81 38.91 12.83
C7 NAG C . -31.65 35.98 13.94
C8 NAG C . -31.84 34.59 14.48
N2 NAG C . -32.66 36.49 13.22
O3 NAG C . -32.22 40.06 13.31
O4 NAG C . -34.97 39.32 15.02
O5 NAG C . -34.86 38.39 11.53
O6 NAG C . -36.94 40.03 11.99
O7 NAG C . -30.61 36.58 14.20
C1 NAG C . -34.57 40.45 15.84
C2 NAG C . -35.71 41.46 15.87
C3 NAG C . -35.68 42.36 17.11
C4 NAG C . -35.44 41.56 18.37
C5 NAG C . -34.15 40.76 18.25
C6 NAG C . -33.99 39.88 19.49
C7 NAG C . -36.72 42.46 13.84
C8 NAG C . -36.50 43.36 12.67
N2 NAG C . -35.69 42.30 14.68
O3 NAG C . -36.91 43.05 17.23
O4 NAG C . -35.38 42.43 19.49
O5 NAG C . -34.20 39.92 17.11
O6 NAG C . -32.74 40.14 20.10
O7 NAG C . -37.81 41.90 13.99
C1 NAG D . -41.81 -14.82 10.31
C2 NAG D . -42.02 -13.36 9.84
C3 NAG D . -43.04 -12.59 10.68
C4 NAG D . -44.29 -13.46 10.81
C5 NAG D . -43.83 -14.67 11.64
C6 NAG D . -44.95 -15.49 12.28
C7 NAG D . -40.45 -11.65 8.96
C8 NAG D . -39.08 -11.07 9.11
N2 NAG D . -40.75 -12.65 9.81
O3 NAG D . -43.29 -11.35 10.05
O4 NAG D . -45.43 -12.86 11.39
O5 NAG D . -43.00 -15.46 10.80
O6 NAG D . -45.73 -16.15 11.31
O7 NAG D . -41.22 -11.20 8.12
C1 NAG D . -45.81 -11.61 10.74
C2 NAG D . -47.06 -11.71 9.85
C3 NAG D . -47.37 -10.33 9.23
C4 NAG D . -47.29 -9.17 10.24
C5 NAG D . -46.05 -9.29 11.14
C6 NAG D . -46.06 -8.27 12.28
C7 NAG D . -47.74 -13.69 8.53
C8 NAG D . -47.35 -14.61 7.42
N2 NAG D . -46.87 -12.71 8.80
O3 NAG D . -48.66 -10.36 8.66
O4 NAG D . -47.26 -7.94 9.56
O5 NAG D . -45.99 -10.58 11.70
O6 NAG D . -45.09 -8.66 13.24
O7 NAG D . -48.80 -13.86 9.14
C1 NAG E . 3.02 50.15 -0.87
C2 NAG E . 3.84 50.73 0.30
C3 NAG E . 4.19 52.19 0.05
C4 NAG E . 4.82 52.39 -1.33
C5 NAG E . 3.97 51.72 -2.42
C6 NAG E . 4.63 51.80 -3.79
C7 NAG E . 3.66 49.94 2.63
C8 NAG E . 2.79 49.91 3.87
N2 NAG E . 3.16 50.58 1.57
O3 NAG E . 5.06 52.67 1.04
O4 NAG E . 4.98 53.77 -1.59
O5 NAG E . 3.73 50.36 -2.09
O6 NAG E . 5.93 51.25 -3.75
O7 NAG E . 4.76 49.39 2.66
#